data_7CT6
#
_entry.id   7CT6
#
_cell.length_a   148.055
_cell.length_b   106.469
_cell.length_c   89.093
_cell.angle_alpha   90.000
_cell.angle_beta   124.090
_cell.angle_gamma   90.000
#
_symmetry.space_group_name_H-M   'C 1 2 1'
#
loop_
_entity.id
_entity.type
_entity.pdbx_description
1 polymer 'Glyoxylate carboligase'
2 water water
#
_entity_poly.entity_id   1
_entity_poly.type   'polypeptide(L)'
_entity_poly.pdbx_seq_one_letter_code
;(MSE)PR(MSE)TAVEAAVHV(MSE)RLEGVDTAFGVPGAAINPLYAALRKVGGVNHILARHVEGASH(MSE)ADGYTRA
KFGNIGVCIGTSGPAGTD(MSE)ITGLYAAIADSVPILCITGQAPRARLYKEDFQAVDIESIAKPVTK(MSE)AVTVREP
ALVPYVFQQAFHV(MSE)RSGRPGPVLIDLPFDVQ(MSE)TEIEFDPETYAPLPIYKPLATRAQVEKA(MSE)T(MSE)L
NASERPLLVSGGGVIGADASDLLVQFAELTGVPVIPTL(MSE)GWGSIPDDHPL(MSE)VG(MSE)VGLQTSQRYGNANL
LASDFV(MSE)GIGNRWANRHTGGLDVYTEGRKFVHVDIEPTQIGRVFGPDYAIVSDAKAALQLFVEVAREWRAAGKLKD
RGEWAESCRERKRT(MSE)LRKTHYDNVPIKPQRVYEE(MSE)NKAFGRDVTYVTTIGLSQIAGGQFLHVYKPRHWINAG
QAGPLGWTVPAALGVAAAKPGAEIVALSGDYDFQF(MSE)IEELAVGAQFNLPFIQVLVNNSYLGLIRQSQRGFD(MSE)
DYQVQLSFENINSPEVNGYGVDHLKVVEGLGCKALRVFKPDDILPAFEKARDL(MSE)QEYRVPVVVEVILERV
;
_entity_poly.pdbx_strand_id   A,B
#
# COMPACT_ATOMS: atom_id res chain seq x y z
N PRO A 2 -33.22 -29.68 13.86
CA PRO A 2 -33.95 -30.03 12.62
C PRO A 2 -33.06 -30.77 11.64
N ARG A 3 -33.66 -31.71 10.93
CA ARG A 3 -33.01 -32.31 9.78
C ARG A 3 -33.09 -31.36 8.57
N THR A 5 -31.83 -31.40 4.06
CA THR A 5 -31.27 -32.17 2.96
C THR A 5 -29.76 -32.04 2.95
N ALA A 6 -29.10 -33.07 2.41
CA ALA A 6 -27.64 -33.07 2.35
C ALA A 6 -27.14 -31.85 1.59
N VAL A 7 -27.82 -31.51 0.48
CA VAL A 7 -27.41 -30.36 -0.31
C VAL A 7 -27.69 -29.04 0.42
N GLU A 8 -28.72 -29.00 1.28
CA GLU A 8 -28.90 -27.82 2.11
C GLU A 8 -27.76 -27.67 3.10
N ALA A 9 -27.32 -28.79 3.70
CA ALA A 9 -26.18 -28.71 4.62
C ALA A 9 -24.92 -28.29 3.88
N ALA A 10 -24.78 -28.69 2.62
CA ALA A 10 -23.61 -28.26 1.85
C ALA A 10 -23.60 -26.74 1.66
N VAL A 11 -24.77 -26.14 1.44
CA VAL A 11 -24.82 -24.69 1.28
C VAL A 11 -24.49 -24.00 2.60
N HIS A 12 -24.96 -24.56 3.72
CA HIS A 12 -24.58 -23.99 5.01
C HIS A 12 -23.07 -24.04 5.21
N VAL A 13 -22.44 -25.15 4.84
CA VAL A 13 -20.99 -25.25 5.03
C VAL A 13 -20.29 -24.25 4.13
N ARG A 15 -21.41 -21.34 2.99
CA ARG A 15 -21.55 -19.98 3.54
C ARG A 15 -20.64 -19.81 4.75
N LEU A 16 -20.56 -20.83 5.60
CA LEU A 16 -19.73 -20.77 6.78
C LEU A 16 -18.25 -20.77 6.43
N GLU A 17 -17.89 -21.28 5.25
CA GLU A 17 -16.53 -21.14 4.76
C GLU A 17 -16.33 -19.84 3.99
N GLY A 18 -17.35 -18.98 3.90
CA GLY A 18 -17.24 -17.68 3.27
C GLY A 18 -17.69 -17.55 1.82
N VAL A 19 -18.32 -18.57 1.25
CA VAL A 19 -18.84 -18.46 -0.11
C VAL A 19 -20.03 -17.49 -0.13
N ASP A 20 -19.99 -16.49 -1.03
CA ASP A 20 -21.20 -15.73 -1.36
C ASP A 20 -21.42 -15.64 -2.88
N THR A 21 -20.63 -16.34 -3.68
CA THR A 21 -20.72 -16.25 -5.13
C THR A 21 -20.50 -17.62 -5.75
N ALA A 22 -21.28 -17.92 -6.79
CA ALA A 22 -21.07 -19.14 -7.56
C ALA A 22 -21.36 -18.85 -9.03
N PHE A 23 -20.66 -19.55 -9.91
CA PHE A 23 -20.88 -19.50 -11.35
C PHE A 23 -21.35 -20.88 -11.79
N GLY A 24 -22.29 -20.94 -12.74
CA GLY A 24 -22.76 -22.28 -13.06
C GLY A 24 -23.72 -22.38 -14.21
N VAL A 25 -24.00 -23.63 -14.58
CA VAL A 25 -24.96 -23.99 -15.62
C VAL A 25 -25.97 -24.94 -14.97
N PRO A 26 -27.19 -24.49 -14.72
CA PRO A 26 -28.20 -25.35 -14.07
C PRO A 26 -28.58 -26.54 -14.95
N GLY A 27 -28.97 -27.63 -14.28
CA GLY A 27 -29.53 -28.78 -14.98
C GLY A 27 -30.32 -29.62 -14.01
N ALA A 28 -30.95 -30.66 -14.56
CA ALA A 28 -31.87 -31.48 -13.76
C ALA A 28 -31.16 -32.17 -12.60
N ALA A 29 -30.03 -32.85 -12.89
CA ALA A 29 -29.37 -33.63 -11.84
C ALA A 29 -28.80 -32.75 -10.72
N ILE A 30 -28.54 -31.47 -10.98
CA ILE A 30 -27.98 -30.58 -9.96
C ILE A 30 -29.02 -29.63 -9.40
N ASN A 31 -30.25 -29.74 -9.88
CA ASN A 31 -31.31 -28.81 -9.46
C ASN A 31 -31.52 -28.73 -7.96
N PRO A 32 -31.50 -29.82 -7.18
CA PRO A 32 -31.69 -29.67 -5.72
C PRO A 32 -30.67 -28.75 -5.09
N LEU A 33 -29.43 -28.71 -5.59
CA LEU A 33 -28.48 -27.75 -5.07
C LEU A 33 -28.95 -26.33 -5.34
N TYR A 34 -29.53 -26.08 -6.52
CA TYR A 34 -30.06 -24.76 -6.80
C TYR A 34 -31.21 -24.41 -5.87
N ALA A 35 -32.08 -25.38 -5.59
CA ALA A 35 -33.15 -25.11 -4.65
C ALA A 35 -32.59 -24.81 -3.27
N ALA A 36 -31.50 -25.51 -2.89
CA ALA A 36 -30.88 -25.24 -1.59
C ALA A 36 -30.24 -23.86 -1.54
N LEU A 37 -29.62 -23.41 -2.65
CA LEU A 37 -29.11 -22.04 -2.70
C LEU A 37 -30.21 -21.04 -2.45
N ARG A 38 -31.39 -21.29 -3.00
CA ARG A 38 -32.51 -20.37 -2.80
C ARG A 38 -32.93 -20.35 -1.33
N LYS A 39 -33.22 -21.53 -0.77
CA LYS A 39 -33.79 -21.56 0.57
C LYS A 39 -32.81 -21.03 1.61
N VAL A 40 -31.52 -21.31 1.44
CA VAL A 40 -30.55 -20.87 2.43
C VAL A 40 -30.18 -19.42 2.19
N GLY A 41 -30.10 -19.01 0.93
CA GLY A 41 -29.78 -17.64 0.61
C GLY A 41 -28.31 -17.35 0.85
N GLY A 42 -27.94 -16.10 0.56
CA GLY A 42 -26.61 -15.59 0.79
C GLY A 42 -25.60 -15.88 -0.30
N VAL A 43 -25.99 -16.61 -1.35
CA VAL A 43 -25.07 -16.93 -2.42
C VAL A 43 -25.63 -16.38 -3.73
N ASN A 44 -24.89 -15.47 -4.34
CA ASN A 44 -25.27 -14.86 -5.61
C ASN A 44 -24.80 -15.75 -6.75
N HIS A 45 -25.72 -16.17 -7.61
CA HIS A 45 -25.41 -17.07 -8.71
C HIS A 45 -25.31 -16.31 -10.04
N ILE A 46 -24.20 -16.52 -10.74
CA ILE A 46 -23.96 -15.93 -12.05
C ILE A 46 -24.00 -17.06 -13.06
N LEU A 47 -24.97 -16.99 -13.98
CA LEU A 47 -25.18 -18.05 -14.95
C LEU A 47 -24.23 -17.89 -16.13
N ALA A 48 -23.51 -18.96 -16.45
CA ALA A 48 -22.55 -18.97 -17.55
C ALA A 48 -23.23 -19.49 -18.80
N ARG A 49 -22.66 -19.15 -19.95
CA ARG A 49 -23.18 -19.60 -21.23
C ARG A 49 -22.42 -20.82 -21.75
N HIS A 50 -21.51 -21.36 -20.95
CA HIS A 50 -20.80 -22.60 -21.23
C HIS A 50 -20.20 -23.08 -19.91
N VAL A 51 -20.21 -24.39 -19.66
CA VAL A 51 -19.69 -24.88 -18.37
C VAL A 51 -18.21 -24.54 -18.21
N GLU A 52 -17.46 -24.56 -19.32
CA GLU A 52 -16.05 -24.17 -19.24
C GLU A 52 -15.91 -22.72 -18.79
N GLY A 53 -16.86 -21.86 -19.20
CA GLY A 53 -16.77 -20.47 -18.78
C GLY A 53 -17.04 -20.30 -17.31
N ALA A 54 -17.98 -21.10 -16.77
CA ALA A 54 -18.18 -21.11 -15.32
C ALA A 54 -16.89 -21.46 -14.60
N SER A 55 -16.11 -22.38 -15.16
CA SER A 55 -14.91 -22.80 -14.43
C SER A 55 -13.80 -21.73 -14.52
N HIS A 56 -13.65 -21.09 -15.68
CA HIS A 56 -12.69 -19.98 -15.79
C HIS A 56 -13.14 -18.74 -15.02
N ALA A 58 -14.75 -18.94 -12.08
CA ALA A 58 -14.36 -19.27 -10.72
C ALA A 58 -12.85 -19.09 -10.54
N ASP A 59 -12.08 -19.50 -11.56
CA ASP A 59 -10.65 -19.31 -11.55
C ASP A 59 -10.29 -17.84 -11.37
N GLY A 60 -10.86 -16.96 -12.22
CA GLY A 60 -10.57 -15.55 -12.10
C GLY A 60 -11.06 -14.96 -10.79
N TYR A 61 -12.21 -15.43 -10.32
CA TYR A 61 -12.70 -14.99 -9.02
C TYR A 61 -11.73 -15.35 -7.89
N THR A 62 -11.10 -16.52 -7.97
CA THR A 62 -10.14 -16.91 -6.94
C THR A 62 -8.91 -16.01 -6.98
N ARG A 63 -8.36 -15.81 -8.18
CA ARG A 63 -7.11 -15.06 -8.31
C ARG A 63 -7.25 -13.58 -7.93
N ALA A 64 -8.45 -13.02 -7.98
CA ALA A 64 -8.62 -11.58 -7.77
C ALA A 64 -8.30 -11.13 -6.34
N LYS A 65 -8.56 -11.96 -5.33
CA LYS A 65 -8.39 -11.57 -3.93
C LYS A 65 -7.93 -12.76 -3.11
N PHE A 66 -6.98 -12.53 -2.20
CA PHE A 66 -6.53 -13.58 -1.29
C PHE A 66 -7.70 -14.05 -0.43
N GLY A 67 -7.89 -15.37 -0.36
CA GLY A 67 -8.96 -15.99 0.39
C GLY A 67 -10.17 -16.37 -0.44
N ASN A 68 -10.35 -15.76 -1.61
CA ASN A 68 -11.45 -16.15 -2.46
C ASN A 68 -11.25 -17.57 -2.95
N ILE A 69 -12.37 -18.27 -3.09
CA ILE A 69 -12.39 -19.53 -3.80
C ILE A 69 -13.60 -19.52 -4.68
N GLY A 70 -13.38 -19.44 -6.00
CA GLY A 70 -14.48 -19.48 -6.94
C GLY A 70 -15.16 -20.85 -6.93
N VAL A 71 -16.48 -20.84 -7.06
CA VAL A 71 -17.28 -22.06 -7.11
C VAL A 71 -17.87 -22.20 -8.50
N CYS A 72 -17.79 -23.39 -9.05
CA CYS A 72 -18.29 -23.68 -10.39
C CYS A 72 -19.27 -24.84 -10.26
N ILE A 73 -20.48 -24.66 -10.82
CA ILE A 73 -21.58 -25.60 -10.64
C ILE A 73 -22.04 -26.11 -12.00
N GLY A 74 -22.23 -27.43 -12.11
CA GLY A 74 -22.79 -28.02 -13.32
C GLY A 74 -23.55 -29.29 -13.00
N THR A 75 -24.23 -29.81 -14.01
CA THR A 75 -25.09 -30.98 -13.87
C THR A 75 -24.32 -32.26 -14.21
N SER A 76 -25.05 -33.37 -14.28
CA SER A 76 -24.42 -34.67 -14.51
C SER A 76 -23.93 -34.81 -15.95
N GLY A 77 -22.88 -35.62 -16.11
CA GLY A 77 -22.44 -36.06 -17.41
C GLY A 77 -21.44 -35.15 -18.11
N PRO A 78 -21.80 -34.70 -19.31
CA PRO A 78 -20.88 -33.82 -20.07
C PRO A 78 -20.55 -32.52 -19.38
N ALA A 79 -21.42 -31.99 -18.51
CA ALA A 79 -21.07 -30.79 -17.77
C ALA A 79 -19.82 -31.01 -16.93
N GLY A 80 -19.65 -32.22 -16.39
CA GLY A 80 -18.46 -32.50 -15.62
C GLY A 80 -17.21 -32.53 -16.49
N THR A 81 -17.29 -33.19 -17.66
CA THR A 81 -16.10 -33.25 -18.51
C THR A 81 -15.74 -31.88 -19.06
N ASP A 82 -16.71 -30.96 -19.17
CA ASP A 82 -16.46 -29.58 -19.55
C ASP A 82 -15.64 -28.82 -18.51
N ILE A 84 -12.87 -29.94 -17.06
CA ILE A 84 -11.51 -30.47 -16.91
C ILE A 84 -10.47 -29.43 -17.33
N THR A 85 -10.74 -28.69 -18.40
CA THR A 85 -9.77 -27.68 -18.84
C THR A 85 -9.62 -26.57 -17.83
N GLY A 86 -10.71 -26.17 -17.18
CA GLY A 86 -10.61 -25.11 -16.18
C GLY A 86 -9.98 -25.61 -14.89
N LEU A 87 -10.26 -26.87 -14.53
CA LEU A 87 -9.57 -27.52 -13.42
C LEU A 87 -8.08 -27.59 -13.67
N TYR A 88 -7.69 -28.01 -14.88
CA TYR A 88 -6.29 -28.06 -15.27
C TYR A 88 -5.63 -26.68 -15.17
N ALA A 89 -6.27 -25.64 -15.72
CA ALA A 89 -5.62 -24.33 -15.72
C ALA A 89 -5.39 -23.83 -14.31
N ALA A 90 -6.31 -24.13 -13.39
CA ALA A 90 -6.17 -23.70 -12.01
C ALA A 90 -5.09 -24.51 -11.27
N ILE A 91 -5.11 -25.84 -11.41
CA ILE A 91 -4.14 -26.63 -10.64
C ILE A 91 -2.72 -26.35 -11.11
N ALA A 92 -2.56 -26.07 -12.40
CA ALA A 92 -1.23 -25.80 -12.94
C ALA A 92 -0.63 -24.53 -12.34
N ASP A 93 -1.46 -23.59 -11.92
CA ASP A 93 -0.97 -22.37 -11.30
C ASP A 93 -1.16 -22.36 -9.79
N SER A 94 -1.50 -23.51 -9.19
CA SER A 94 -1.76 -23.63 -7.75
C SER A 94 -2.91 -22.72 -7.30
N VAL A 95 -3.97 -22.67 -8.10
CA VAL A 95 -5.17 -21.90 -7.78
C VAL A 95 -6.28 -22.83 -7.34
N PRO A 96 -6.87 -22.63 -6.16
CA PRO A 96 -8.09 -23.38 -5.79
C PRO A 96 -9.36 -22.87 -6.48
N ILE A 97 -10.13 -23.81 -7.03
CA ILE A 97 -11.55 -23.59 -7.30
C ILE A 97 -12.29 -24.82 -6.82
N LEU A 98 -13.55 -24.63 -6.42
CA LEU A 98 -14.41 -25.75 -6.06
C LEU A 98 -15.42 -25.99 -7.18
N CYS A 99 -15.36 -27.16 -7.79
CA CYS A 99 -16.32 -27.58 -8.81
C CYS A 99 -17.31 -28.56 -8.20
N ILE A 100 -18.60 -28.34 -8.46
CA ILE A 100 -19.66 -29.19 -7.95
C ILE A 100 -20.47 -29.68 -9.14
N THR A 101 -20.59 -31.00 -9.29
CA THR A 101 -21.42 -31.57 -10.34
C THR A 101 -22.54 -32.41 -9.74
N GLY A 102 -23.71 -32.32 -10.35
CA GLY A 102 -24.73 -33.31 -10.12
C GLY A 102 -24.39 -34.62 -10.80
N GLN A 103 -25.07 -35.69 -10.40
CA GLN A 103 -24.73 -37.03 -10.84
C GLN A 103 -25.97 -37.89 -10.80
N ALA A 104 -25.95 -38.97 -11.57
CA ALA A 104 -27.08 -39.89 -11.64
C ALA A 104 -27.29 -40.55 -10.28
N PRO A 105 -28.52 -41.00 -9.99
CA PRO A 105 -28.81 -41.60 -8.68
C PRO A 105 -28.01 -42.88 -8.45
N ARG A 106 -27.71 -43.14 -7.17
CA ARG A 106 -26.86 -44.28 -6.81
C ARG A 106 -27.41 -45.60 -7.32
N ALA A 107 -28.73 -45.71 -7.50
CA ALA A 107 -29.33 -46.99 -7.87
C ALA A 107 -28.80 -47.49 -9.21
N ARG A 108 -28.51 -46.57 -10.14
CA ARG A 108 -27.80 -46.89 -11.39
C ARG A 108 -26.66 -45.89 -11.52
N LEU A 109 -25.66 -46.04 -10.66
CA LEU A 109 -24.49 -45.15 -10.65
C LEU A 109 -23.30 -45.82 -11.32
N TYR A 110 -22.83 -46.95 -10.79
CA TYR A 110 -21.65 -47.61 -11.35
C TYR A 110 -21.90 -48.09 -12.78
N LYS A 111 -23.11 -48.50 -13.09
CA LYS A 111 -23.48 -48.76 -14.48
C LYS A 111 -23.57 -47.44 -15.24
N GLU A 112 -23.06 -47.41 -16.47
CA GLU A 112 -23.17 -46.22 -17.30
C GLU A 112 -24.61 -46.05 -17.79
N ASP A 113 -25.08 -44.81 -17.86
CA ASP A 113 -26.45 -44.52 -18.22
C ASP A 113 -26.57 -43.06 -18.64
N PHE A 114 -27.80 -42.63 -18.92
CA PHE A 114 -27.99 -41.32 -19.53
C PHE A 114 -27.49 -40.23 -18.58
N GLN A 115 -26.72 -39.30 -19.13
CA GLN A 115 -26.09 -38.22 -18.37
C GLN A 115 -25.38 -38.74 -17.12
N ALA A 116 -24.50 -39.72 -17.34
CA ALA A 116 -23.71 -40.29 -16.24
C ALA A 116 -22.31 -40.64 -16.71
N VAL A 117 -21.30 -40.27 -15.92
CA VAL A 117 -19.90 -40.41 -16.30
C VAL A 117 -19.07 -40.59 -15.05
N ASP A 118 -17.93 -41.27 -15.21
CA ASP A 118 -17.01 -41.48 -14.09
C ASP A 118 -16.09 -40.26 -13.97
N ILE A 119 -16.70 -39.16 -13.52
CA ILE A 119 -15.98 -37.91 -13.42
C ILE A 119 -14.88 -38.00 -12.37
N GLU A 120 -15.03 -38.94 -11.42
CA GLU A 120 -14.00 -39.18 -10.42
C GLU A 120 -12.66 -39.53 -11.06
N SER A 121 -12.66 -40.54 -11.95
CA SER A 121 -11.41 -40.95 -12.58
C SER A 121 -10.89 -39.87 -13.53
N ILE A 122 -11.76 -39.25 -14.34
CA ILE A 122 -11.31 -38.24 -15.31
C ILE A 122 -10.66 -37.06 -14.59
N ALA A 123 -11.25 -36.60 -13.49
CA ALA A 123 -10.79 -35.38 -12.83
C ALA A 123 -9.68 -35.61 -11.80
N LYS A 124 -9.41 -36.85 -11.41
CA LYS A 124 -8.35 -37.10 -10.44
C LYS A 124 -6.99 -36.51 -10.86
N PRO A 125 -6.55 -36.62 -12.13
CA PRO A 125 -5.27 -35.99 -12.50
C PRO A 125 -5.25 -34.46 -12.41
N VAL A 126 -6.39 -33.76 -12.38
CA VAL A 126 -6.35 -32.30 -12.43
C VAL A 126 -6.96 -31.64 -11.18
N THR A 127 -7.08 -32.40 -10.09
CA THR A 127 -7.59 -31.93 -8.81
C THR A 127 -6.72 -32.44 -7.67
N LYS A 128 -6.80 -31.78 -6.51
CA LYS A 128 -6.22 -32.36 -5.31
C LYS A 128 -7.12 -33.44 -4.70
N ALA A 130 -11.09 -35.49 -5.91
CA ALA A 130 -12.28 -35.55 -6.73
C ALA A 130 -13.09 -36.72 -6.22
N VAL A 131 -14.31 -36.48 -5.74
CA VAL A 131 -15.02 -37.53 -5.01
C VAL A 131 -16.50 -37.49 -5.34
N THR A 132 -17.06 -38.65 -5.67
CA THR A 132 -18.49 -38.84 -5.71
C THR A 132 -18.96 -39.21 -4.31
N VAL A 133 -19.95 -38.50 -3.79
CA VAL A 133 -20.39 -38.73 -2.42
C VAL A 133 -21.57 -39.69 -2.47
N ARG A 134 -21.37 -40.89 -1.93
CA ARG A 134 -22.40 -41.93 -1.96
C ARG A 134 -23.19 -42.02 -0.67
N GLU A 135 -22.74 -41.37 0.41
CA GLU A 135 -23.45 -41.40 1.68
C GLU A 135 -23.96 -40.01 2.02
N PRO A 136 -25.28 -39.79 2.10
CA PRO A 136 -25.78 -38.42 2.34
C PRO A 136 -25.28 -37.79 3.61
N ALA A 137 -25.07 -38.59 4.67
CA ALA A 137 -24.61 -38.03 5.94
C ALA A 137 -23.21 -37.45 5.86
N LEU A 138 -22.40 -37.89 4.89
CA LEU A 138 -21.04 -37.38 4.74
C LEU A 138 -20.95 -36.08 3.93
N VAL A 139 -22.02 -35.65 3.27
CA VAL A 139 -21.89 -34.49 2.37
C VAL A 139 -21.33 -33.25 3.06
N PRO A 140 -21.85 -32.81 4.20
CA PRO A 140 -21.22 -31.61 4.82
C PRO A 140 -19.75 -31.82 5.09
N TYR A 141 -19.36 -33.03 5.50
CA TYR A 141 -17.98 -33.29 5.87
C TYR A 141 -17.05 -33.39 4.66
N VAL A 142 -17.57 -33.80 3.50
CA VAL A 142 -16.76 -33.75 2.29
C VAL A 142 -16.49 -32.30 1.90
N PHE A 143 -17.49 -31.41 2.02
CA PHE A 143 -17.24 -30.01 1.71
C PHE A 143 -16.27 -29.40 2.73
N GLN A 144 -16.41 -29.75 4.01
CA GLN A 144 -15.48 -29.22 5.00
C GLN A 144 -14.06 -29.66 4.68
N GLN A 145 -13.89 -30.92 4.27
CA GLN A 145 -12.57 -31.41 3.89
C GLN A 145 -12.06 -30.70 2.63
N ALA A 146 -12.95 -30.46 1.66
CA ALA A 146 -12.55 -29.80 0.41
C ALA A 146 -12.00 -28.40 0.66
N PHE A 147 -12.58 -27.67 1.60
CA PHE A 147 -11.99 -26.36 1.90
C PHE A 147 -10.62 -26.49 2.54
N HIS A 148 -10.42 -27.51 3.37
CA HIS A 148 -9.10 -27.73 3.95
C HIS A 148 -8.07 -28.08 2.88
N VAL A 149 -8.43 -29.01 2.00
CA VAL A 149 -7.52 -29.46 0.95
C VAL A 149 -7.20 -28.33 -0.02
N ARG A 151 -7.05 -25.05 0.52
CA ARG A 151 -6.20 -24.01 1.10
C ARG A 151 -4.86 -24.55 1.61
N SER A 152 -4.77 -25.84 1.89
CA SER A 152 -3.60 -26.37 2.58
C SER A 152 -2.50 -26.73 1.60
N GLY A 153 -1.28 -26.80 2.12
CA GLY A 153 -0.17 -27.29 1.31
C GLY A 153 -0.03 -26.45 0.06
N ARG A 154 0.16 -27.11 -1.06
CA ARG A 154 0.13 -26.39 -2.33
C ARG A 154 -1.33 -26.23 -2.75
N PRO A 155 -1.84 -24.99 -2.84
CA PRO A 155 -3.28 -24.82 -3.08
C PRO A 155 -3.68 -25.38 -4.43
N GLY A 156 -4.92 -25.85 -4.50
CA GLY A 156 -5.42 -26.42 -5.73
C GLY A 156 -6.89 -26.82 -5.70
N PRO A 157 -7.40 -27.17 -6.87
CA PRO A 157 -8.84 -27.36 -7.03
C PRO A 157 -9.36 -28.70 -6.53
N VAL A 158 -10.66 -28.71 -6.27
CA VAL A 158 -11.35 -29.89 -5.78
C VAL A 158 -12.67 -30.03 -6.52
N LEU A 159 -13.05 -31.25 -6.86
CA LEU A 159 -14.33 -31.54 -7.51
C LEU A 159 -15.15 -32.44 -6.60
N ILE A 160 -16.41 -32.08 -6.40
CA ILE A 160 -17.34 -32.88 -5.59
C ILE A 160 -18.52 -33.26 -6.47
N ASP A 161 -18.78 -34.57 -6.58
CA ASP A 161 -19.80 -35.12 -7.45
C ASP A 161 -20.93 -35.69 -6.59
N LEU A 162 -22.14 -35.23 -6.84
CA LEU A 162 -23.29 -35.51 -5.96
C LEU A 162 -24.44 -36.19 -6.69
N PRO A 163 -24.69 -37.47 -6.43
CA PRO A 163 -25.84 -38.14 -7.06
C PRO A 163 -27.14 -37.47 -6.65
N PHE A 164 -28.10 -37.48 -7.58
CA PHE A 164 -29.36 -36.77 -7.38
C PHE A 164 -30.06 -37.19 -6.09
N ASP A 165 -30.17 -38.51 -5.85
CA ASP A 165 -30.86 -38.97 -4.65
C ASP A 165 -30.07 -38.65 -3.39
N VAL A 166 -28.75 -38.60 -3.46
CA VAL A 166 -27.95 -38.25 -2.29
C VAL A 166 -28.24 -36.80 -1.88
N GLN A 167 -28.39 -35.89 -2.86
CA GLN A 167 -28.67 -34.49 -2.54
C GLN A 167 -30.00 -34.34 -1.81
N THR A 169 -31.59 -36.46 0.20
CA THR A 169 -31.80 -37.16 1.46
C THR A 169 -31.67 -36.22 2.65
N GLU A 170 -32.60 -36.36 3.60
CA GLU A 170 -32.51 -35.66 4.87
C GLU A 170 -31.37 -36.25 5.71
N ILE A 171 -30.66 -35.36 6.39
CA ILE A 171 -29.59 -35.74 7.31
C ILE A 171 -29.66 -34.78 8.48
N GLU A 172 -28.92 -35.09 9.53
CA GLU A 172 -28.74 -34.16 10.61
C GLU A 172 -27.45 -33.38 10.40
N PHE A 173 -27.51 -32.07 10.67
CA PHE A 173 -26.33 -31.23 10.58
C PHE A 173 -26.57 -30.01 11.43
N ASP A 174 -25.51 -29.49 12.04
CA ASP A 174 -25.59 -28.39 13.00
C ASP A 174 -24.70 -27.23 12.56
N PRO A 175 -25.24 -26.27 11.80
CA PRO A 175 -24.45 -25.09 11.44
C PRO A 175 -23.93 -24.31 12.63
N GLU A 176 -24.65 -24.31 13.75
CA GLU A 176 -24.25 -23.51 14.91
C GLU A 176 -22.88 -23.90 15.46
N THR A 177 -22.52 -25.18 15.39
CA THR A 177 -21.24 -25.61 15.92
C THR A 177 -20.23 -25.95 14.83
N TYR A 178 -20.58 -25.73 13.56
CA TYR A 178 -19.62 -25.93 12.49
C TYR A 178 -18.40 -25.05 12.68
N ALA A 179 -17.23 -25.60 12.40
CA ALA A 179 -16.03 -24.81 12.29
C ALA A 179 -15.17 -25.33 11.15
N PRO A 180 -14.48 -24.46 10.42
CA PRO A 180 -13.53 -24.94 9.40
C PRO A 180 -12.39 -25.72 10.03
N LEU A 181 -11.88 -26.68 9.27
CA LEU A 181 -10.71 -27.44 9.68
C LEU A 181 -9.48 -26.54 9.71
N PRO A 182 -8.47 -26.88 10.52
CA PRO A 182 -7.21 -26.12 10.48
C PRO A 182 -6.54 -26.24 9.12
N ILE A 183 -5.83 -25.19 8.73
CA ILE A 183 -5.10 -25.17 7.47
C ILE A 183 -3.69 -25.70 7.72
N TYR A 184 -3.21 -26.57 6.85
CA TYR A 184 -1.85 -27.07 6.96
C TYR A 184 -0.93 -26.28 6.03
N LYS A 185 0.21 -25.82 6.58
CA LYS A 185 1.29 -25.28 5.76
C LYS A 185 2.63 -25.75 6.32
N PRO A 186 3.59 -26.05 5.46
CA PRO A 186 4.98 -26.20 5.93
C PRO A 186 5.55 -24.86 6.39
N LEU A 187 6.49 -24.93 7.34
CA LEU A 187 7.02 -23.74 8.00
C LEU A 187 8.54 -23.79 8.07
N ALA A 188 9.18 -22.75 7.57
CA ALA A 188 10.64 -22.64 7.69
C ALA A 188 11.05 -22.49 9.15
N THR A 189 12.17 -23.10 9.51
CA THR A 189 12.77 -22.90 10.83
C THR A 189 13.76 -21.74 10.81
N ARG A 190 14.04 -21.21 12.01
CA ARG A 190 15.06 -20.17 12.12
C ARG A 190 16.41 -20.65 11.61
N ALA A 191 16.80 -21.89 11.94
CA ALA A 191 18.12 -22.36 11.52
C ALA A 191 18.25 -22.42 10.00
N GLN A 192 17.18 -22.82 9.32
CA GLN A 192 17.20 -22.83 7.86
C GLN A 192 17.32 -21.41 7.30
N VAL A 193 16.58 -20.46 7.87
CA VAL A 193 16.69 -19.08 7.39
C VAL A 193 18.07 -18.51 7.70
N GLU A 194 18.68 -18.92 8.82
CA GLU A 194 20.03 -18.43 9.15
C GLU A 194 21.07 -18.97 8.18
N LYS A 195 20.94 -20.23 7.74
CA LYS A 195 21.89 -20.74 6.75
C LYS A 195 21.67 -20.07 5.40
N ALA A 196 20.42 -19.87 5.01
CA ALA A 196 20.17 -19.14 3.77
C ALA A 196 20.69 -17.71 3.86
N THR A 198 23.16 -16.73 5.48
CA THR A 198 24.61 -16.85 5.42
C THR A 198 25.11 -16.95 3.98
N LEU A 200 23.48 -15.90 1.32
CA LEU A 200 23.14 -14.62 0.74
C LEU A 200 24.16 -13.55 1.08
N ASN A 201 24.50 -13.43 2.37
CA ASN A 201 25.46 -12.42 2.77
C ASN A 201 26.85 -12.72 2.23
N ALA A 202 27.16 -14.00 2.02
CA ALA A 202 28.47 -14.35 1.49
C ALA A 202 28.67 -13.91 0.04
N SER A 203 27.58 -13.72 -0.72
CA SER A 203 27.68 -13.39 -2.13
C SER A 203 27.89 -11.89 -2.34
N GLU A 204 28.34 -11.55 -3.55
CA GLU A 204 28.59 -10.17 -3.92
C GLU A 204 27.57 -9.55 -4.86
N ARG A 205 26.84 -10.36 -5.62
CA ARG A 205 25.89 -9.86 -6.60
C ARG A 205 24.58 -10.63 -6.51
N PRO A 206 23.84 -10.49 -5.41
CA PRO A 206 22.63 -11.29 -5.21
C PRO A 206 21.40 -10.76 -5.94
N LEU A 207 20.49 -11.69 -6.26
CA LEU A 207 19.18 -11.37 -6.80
C LEU A 207 18.11 -12.20 -6.10
N LEU A 208 16.95 -11.61 -5.89
CA LEU A 208 15.75 -12.33 -5.46
C LEU A 208 14.84 -12.55 -6.65
N VAL A 209 14.37 -13.77 -6.81
CA VAL A 209 13.32 -14.06 -7.79
C VAL A 209 12.02 -14.29 -7.04
N SER A 210 11.00 -13.51 -7.40
CA SER A 210 9.71 -13.52 -6.71
C SER A 210 8.67 -14.14 -7.65
N GLY A 211 8.20 -15.34 -7.30
CA GLY A 211 7.29 -16.07 -8.14
C GLY A 211 5.87 -16.03 -7.60
N GLY A 212 5.00 -16.83 -8.24
CA GLY A 212 3.59 -16.80 -7.93
C GLY A 212 3.25 -17.20 -6.50
N GLY A 213 4.13 -17.97 -5.85
CA GLY A 213 3.86 -18.38 -4.48
C GLY A 213 3.94 -17.24 -3.48
N VAL A 214 4.74 -16.20 -3.78
CA VAL A 214 4.73 -14.99 -2.96
C VAL A 214 3.35 -14.34 -2.98
N ILE A 215 2.73 -14.29 -4.16
CA ILE A 215 1.41 -13.66 -4.22
C ILE A 215 0.36 -14.61 -3.65
N GLY A 216 0.50 -15.92 -3.92
CA GLY A 216 -0.50 -16.85 -3.43
C GLY A 216 -0.55 -16.90 -1.91
N ALA A 217 0.61 -16.73 -1.27
CA ALA A 217 0.68 -16.72 0.18
C ALA A 217 0.35 -15.36 0.78
N ASP A 218 0.03 -14.35 -0.04
CA ASP A 218 -0.24 -13.00 0.45
C ASP A 218 1.00 -12.38 1.08
N ALA A 219 2.16 -12.62 0.46
CA ALA A 219 3.45 -12.26 1.05
C ALA A 219 4.19 -11.14 0.31
N SER A 220 3.56 -10.46 -0.65
CA SER A 220 4.29 -9.46 -1.43
C SER A 220 4.81 -8.33 -0.54
N ASP A 221 4.03 -7.92 0.45
CA ASP A 221 4.49 -6.88 1.35
C ASP A 221 5.74 -7.32 2.10
N LEU A 222 5.75 -8.56 2.62
CA LEU A 222 6.94 -9.06 3.30
C LEU A 222 8.11 -9.19 2.34
N LEU A 223 7.86 -9.61 1.10
CA LEU A 223 8.95 -9.73 0.12
C LEU A 223 9.60 -8.38 -0.14
N VAL A 224 8.79 -7.32 -0.24
CA VAL A 224 9.31 -5.96 -0.45
C VAL A 224 10.08 -5.48 0.77
N GLN A 225 9.54 -5.72 1.98
CA GLN A 225 10.28 -5.39 3.21
C GLN A 225 11.65 -6.05 3.21
N PHE A 226 11.70 -7.35 2.86
CA PHE A 226 12.98 -8.07 2.91
C PHE A 226 13.94 -7.53 1.87
N ALA A 227 13.45 -7.24 0.65
CA ALA A 227 14.35 -6.67 -0.35
C ALA A 227 14.83 -5.29 0.08
N GLU A 228 13.95 -4.46 0.62
CA GLU A 228 14.36 -3.11 1.02
C GLU A 228 15.34 -3.17 2.18
N LEU A 229 15.11 -4.08 3.12
CA LEU A 229 16.00 -4.23 4.27
C LEU A 229 17.39 -4.70 3.87
N THR A 230 17.47 -5.68 2.98
CA THR A 230 18.78 -6.17 2.54
C THR A 230 19.38 -5.38 1.39
N GLY A 231 18.58 -4.59 0.67
CA GLY A 231 19.06 -3.92 -0.52
C GLY A 231 19.18 -4.80 -1.76
N VAL A 232 18.63 -6.00 -1.73
CA VAL A 232 18.82 -6.97 -2.81
C VAL A 232 17.80 -6.71 -3.92
N PRO A 233 18.22 -6.54 -5.18
CA PRO A 233 17.27 -6.32 -6.27
C PRO A 233 16.40 -7.56 -6.49
N VAL A 234 15.19 -7.32 -6.98
CA VAL A 234 14.19 -8.35 -7.18
C VAL A 234 13.91 -8.49 -8.68
N ILE A 235 13.75 -9.73 -9.11
CA ILE A 235 13.32 -10.04 -10.47
C ILE A 235 12.07 -10.92 -10.39
N PRO A 236 10.87 -10.37 -10.52
CA PRO A 236 9.68 -11.22 -10.50
C PRO A 236 9.59 -12.15 -11.72
N THR A 237 8.99 -13.31 -11.52
CA THR A 237 8.55 -14.10 -12.66
C THR A 237 7.24 -13.52 -13.19
N LEU A 238 6.79 -14.09 -14.31
CA LEU A 238 5.52 -13.64 -14.89
C LEU A 238 4.37 -13.84 -13.92
N GLY A 240 4.87 -13.91 -10.72
CA GLY A 240 5.17 -13.06 -9.60
C GLY A 240 5.00 -11.58 -9.89
N TRP A 241 4.59 -11.25 -11.11
CA TRP A 241 4.57 -9.86 -11.56
C TRP A 241 3.57 -9.05 -10.74
N GLY A 242 4.02 -7.87 -10.29
CA GLY A 242 3.25 -7.10 -9.34
C GLY A 242 3.47 -7.41 -7.86
N SER A 243 4.30 -8.41 -7.53
CA SER A 243 4.63 -8.62 -6.12
C SER A 243 5.55 -7.52 -5.57
N ILE A 244 6.32 -6.87 -6.44
CA ILE A 244 7.00 -5.61 -6.14
C ILE A 244 6.56 -4.63 -7.23
N PRO A 245 6.31 -3.36 -6.92
CA PRO A 245 5.85 -2.43 -7.98
C PRO A 245 6.91 -2.27 -9.06
N ASP A 246 6.44 -2.12 -10.31
CA ASP A 246 7.37 -2.05 -11.43
C ASP A 246 8.28 -0.82 -11.36
N ASP A 247 7.83 0.25 -10.71
CA ASP A 247 8.66 1.45 -10.58
C ASP A 247 9.45 1.46 -9.28
N HIS A 248 9.42 0.36 -8.52
CA HIS A 248 10.21 0.30 -7.30
C HIS A 248 11.70 0.26 -7.65
N PRO A 249 12.53 0.98 -6.91
CA PRO A 249 13.96 1.03 -7.25
C PRO A 249 14.64 -0.34 -7.25
N LEU A 250 14.15 -1.32 -6.49
CA LEU A 250 14.77 -2.65 -6.49
C LEU A 250 14.19 -3.63 -7.52
N VAL A 252 14.20 -4.92 -10.93
CA VAL A 252 15.19 -4.68 -11.99
C VAL A 252 14.98 -5.58 -13.20
N GLY A 253 13.74 -5.96 -13.45
CA GLY A 253 13.39 -6.74 -14.62
C GLY A 253 12.59 -7.97 -14.26
N VAL A 255 11.95 -12.21 -15.38
CA VAL A 255 12.68 -13.30 -16.03
C VAL A 255 12.22 -13.33 -17.49
N GLY A 256 13.13 -13.04 -18.42
CA GLY A 256 12.73 -12.82 -19.80
C GLY A 256 12.37 -14.08 -20.56
N LEU A 257 13.02 -15.19 -20.23
CA LEU A 257 12.64 -16.52 -20.67
C LEU A 257 13.24 -17.49 -19.66
N GLN A 258 12.65 -18.68 -19.55
CA GLN A 258 13.26 -19.68 -18.67
C GLN A 258 14.67 -19.98 -19.13
N THR A 259 14.88 -19.97 -20.45
CA THR A 259 16.20 -19.97 -21.06
C THR A 259 16.04 -19.10 -22.31
N SER A 260 16.40 -17.83 -22.19
CA SER A 260 16.45 -16.95 -23.37
C SER A 260 17.63 -17.30 -24.27
N GLN A 261 17.94 -18.58 -24.35
CA GLN A 261 19.22 -19.09 -24.83
C GLN A 261 20.33 -18.21 -24.28
N ARG A 262 21.22 -17.70 -25.12
CA ARG A 262 22.30 -16.92 -24.53
C ARG A 262 21.80 -15.60 -23.95
N TYR A 263 21.00 -14.84 -24.73
CA TYR A 263 20.64 -13.46 -24.44
C TYR A 263 20.37 -13.25 -22.96
N GLY A 264 19.15 -13.62 -22.54
CA GLY A 264 18.84 -13.67 -21.13
C GLY A 264 18.66 -12.30 -20.53
N ASN A 265 18.29 -12.30 -19.27
CA ASN A 265 18.33 -11.08 -18.47
C ASN A 265 19.78 -10.78 -18.13
N ALA A 266 20.24 -9.57 -18.48
CA ALA A 266 21.62 -9.23 -18.22
C ALA A 266 21.95 -9.24 -16.72
N ASN A 267 20.97 -8.86 -15.88
CA ASN A 267 21.20 -8.88 -14.44
C ASN A 267 21.33 -10.31 -13.90
N LEU A 268 20.58 -11.26 -14.46
CA LEU A 268 20.72 -12.67 -14.03
C LEU A 268 22.09 -13.22 -14.37
N LEU A 269 22.58 -12.99 -15.61
CA LEU A 269 23.90 -13.49 -15.96
C LEU A 269 25.00 -12.82 -15.14
N ALA A 270 24.79 -11.58 -14.71
CA ALA A 270 25.81 -10.91 -13.88
C ALA A 270 25.83 -11.45 -12.46
N SER A 271 24.72 -12.00 -11.98
CA SER A 271 24.60 -12.34 -10.57
C SER A 271 25.46 -13.54 -10.21
N ASP A 272 25.90 -13.58 -8.95
CA ASP A 272 26.58 -14.74 -8.41
C ASP A 272 25.72 -15.53 -7.41
N PHE A 273 24.48 -15.10 -7.16
CA PHE A 273 23.63 -15.74 -6.18
C PHE A 273 22.19 -15.40 -6.49
N VAL A 274 21.32 -16.41 -6.44
CA VAL A 274 19.90 -16.23 -6.70
C VAL A 274 19.12 -16.95 -5.62
N GLY A 276 15.29 -17.93 -5.03
CA GLY A 276 13.94 -17.93 -5.53
C GLY A 276 12.94 -18.19 -4.43
N ILE A 277 11.89 -17.37 -4.39
CA ILE A 277 10.82 -17.54 -3.40
C ILE A 277 9.51 -17.75 -4.14
N GLY A 278 8.90 -18.91 -3.95
CA GLY A 278 7.59 -19.14 -4.54
C GLY A 278 7.61 -19.23 -6.04
N ASN A 279 8.76 -19.49 -6.63
CA ASN A 279 8.91 -19.46 -8.09
C ASN A 279 9.04 -20.87 -8.64
N ARG A 280 8.76 -21.02 -9.92
CA ARG A 280 9.13 -22.21 -10.64
C ARG A 280 10.28 -21.90 -11.58
N TRP A 281 11.36 -22.66 -11.46
CA TRP A 281 12.33 -22.74 -12.55
C TRP A 281 11.82 -23.78 -13.53
N ALA A 282 11.73 -23.40 -14.79
CA ALA A 282 11.37 -24.36 -15.82
C ALA A 282 12.63 -24.95 -16.45
N ASN A 283 12.42 -25.95 -17.29
CA ASN A 283 13.42 -26.44 -18.23
C ASN A 283 12.77 -26.35 -19.61
N ARG A 284 13.20 -25.38 -20.43
CA ARG A 284 12.48 -25.10 -21.66
C ARG A 284 12.38 -26.33 -22.55
N HIS A 285 13.36 -27.23 -22.46
CA HIS A 285 13.22 -28.63 -22.85
C HIS A 285 14.39 -29.42 -22.27
N THR A 286 14.56 -29.36 -20.94
CA THR A 286 15.76 -29.84 -20.26
C THR A 286 17.02 -29.24 -20.86
N GLY A 287 16.95 -27.94 -21.18
CA GLY A 287 18.06 -27.24 -21.81
C GLY A 287 19.28 -27.01 -20.95
N GLY A 288 20.42 -27.52 -21.38
CA GLY A 288 21.68 -27.18 -20.76
C GLY A 288 22.11 -25.80 -21.20
N LEU A 289 22.00 -24.81 -20.32
CA LEU A 289 22.18 -23.43 -20.75
C LEU A 289 22.48 -22.55 -19.53
N ASP A 290 22.34 -21.24 -19.73
CA ASP A 290 23.03 -20.22 -18.94
C ASP A 290 22.36 -19.88 -17.61
N VAL A 291 21.17 -20.38 -17.32
CA VAL A 291 20.52 -20.05 -16.05
C VAL A 291 21.42 -20.43 -14.89
N TYR A 292 22.06 -21.58 -14.99
CA TYR A 292 22.89 -22.12 -13.94
C TYR A 292 24.32 -22.21 -14.43
N THR A 293 25.23 -21.88 -13.53
CA THR A 293 26.66 -21.99 -13.77
C THR A 293 27.29 -22.33 -12.43
N GLU A 294 28.47 -22.92 -12.47
CA GLU A 294 29.04 -23.48 -11.24
C GLU A 294 29.30 -22.40 -10.19
N GLY A 295 29.55 -21.16 -10.62
CA GLY A 295 29.77 -20.10 -9.66
C GLY A 295 28.52 -19.47 -9.09
N ARG A 296 27.37 -19.67 -9.72
CA ARG A 296 26.13 -19.08 -9.25
C ARG A 296 25.43 -20.05 -8.30
N LYS A 297 25.27 -19.64 -7.04
CA LYS A 297 24.53 -20.44 -6.07
C LYS A 297 23.05 -20.11 -6.12
N PHE A 298 22.22 -21.13 -5.92
CA PHE A 298 20.78 -21.01 -5.97
C PHE A 298 20.19 -21.46 -4.64
N VAL A 299 19.34 -20.62 -4.07
CA VAL A 299 18.53 -20.97 -2.91
C VAL A 299 17.07 -20.94 -3.34
N HIS A 300 16.31 -21.95 -2.92
CA HIS A 300 14.93 -22.07 -3.34
C HIS A 300 14.05 -22.22 -2.11
N VAL A 301 13.07 -21.35 -1.99
CA VAL A 301 12.11 -21.39 -0.90
C VAL A 301 10.73 -21.58 -1.52
N ASP A 302 10.06 -22.67 -1.19
CA ASP A 302 8.79 -22.95 -1.85
C ASP A 302 7.96 -23.89 -0.99
N ILE A 303 6.64 -23.81 -1.18
CA ILE A 303 5.72 -24.62 -0.42
C ILE A 303 5.76 -26.08 -0.85
N GLU A 304 6.35 -26.34 -2.00
CA GLU A 304 6.28 -27.63 -2.69
C GLU A 304 7.60 -27.96 -3.36
N PRO A 305 8.75 -27.89 -2.66
CA PRO A 305 10.00 -28.32 -3.29
C PRO A 305 10.12 -29.83 -3.18
N THR A 306 8.99 -30.48 -2.90
CA THR A 306 8.84 -31.91 -3.07
C THR A 306 8.55 -32.29 -4.53
N GLN A 307 8.34 -31.30 -5.40
CA GLN A 307 8.32 -31.52 -6.84
C GLN A 307 9.12 -30.48 -7.63
N ILE A 308 9.71 -29.49 -6.97
CA ILE A 308 10.35 -28.38 -7.68
C ILE A 308 11.74 -28.13 -7.09
N GLY A 309 12.67 -27.77 -7.96
CA GLY A 309 14.09 -27.72 -7.69
C GLY A 309 14.83 -28.10 -8.95
N ARG A 310 14.50 -27.40 -10.04
CA ARG A 310 14.83 -27.83 -11.39
C ARG A 310 16.18 -27.33 -11.90
N VAL A 311 16.87 -26.48 -11.15
CA VAL A 311 18.19 -26.02 -11.55
C VAL A 311 19.18 -27.14 -11.21
N PHE A 312 18.82 -28.37 -11.60
CA PHE A 312 19.53 -29.60 -11.26
C PHE A 312 19.87 -29.66 -9.77
N GLY A 313 18.92 -29.21 -8.96
CA GLY A 313 19.11 -29.14 -7.53
C GLY A 313 19.66 -27.79 -7.09
N PRO A 314 18.88 -27.05 -6.32
CA PRO A 314 19.40 -25.83 -5.71
C PRO A 314 20.50 -26.16 -4.71
N ASP A 315 21.41 -25.19 -4.53
CA ASP A 315 22.46 -25.35 -3.53
C ASP A 315 21.86 -25.51 -2.13
N TYR A 316 20.69 -24.94 -1.89
CA TYR A 316 20.00 -25.12 -0.63
C TYR A 316 18.52 -24.86 -0.86
N ALA A 317 17.68 -25.62 -0.18
CA ALA A 317 16.24 -25.49 -0.33
C ALA A 317 15.59 -25.38 1.05
N ILE A 318 14.46 -24.69 1.10
CA ILE A 318 13.64 -24.57 2.30
C ILE A 318 12.20 -24.83 1.89
N VAL A 319 11.56 -25.79 2.55
CA VAL A 319 10.17 -26.15 2.29
C VAL A 319 9.32 -25.30 3.21
N SER A 320 8.68 -24.28 2.67
CA SER A 320 7.92 -23.40 3.53
C SER A 320 6.90 -22.64 2.71
N ASP A 321 5.76 -22.34 3.35
CA ASP A 321 4.89 -21.29 2.87
C ASP A 321 5.68 -19.99 2.78
N ALA A 322 5.48 -19.25 1.68
CA ALA A 322 6.29 -18.07 1.40
C ALA A 322 6.08 -16.97 2.44
N LYS A 323 4.87 -16.83 2.99
CA LYS A 323 4.65 -15.83 4.01
C LYS A 323 5.37 -16.19 5.31
N ALA A 324 5.24 -17.44 5.76
CA ALA A 324 5.92 -17.85 6.99
C ALA A 324 7.42 -17.69 6.85
N ALA A 325 7.97 -18.03 5.68
CA ALA A 325 9.40 -17.91 5.45
C ALA A 325 9.86 -16.45 5.46
N LEU A 326 9.14 -15.60 4.72
CA LEU A 326 9.54 -14.21 4.59
C LEU A 326 9.41 -13.46 5.91
N GLN A 327 8.42 -13.82 6.74
CA GLN A 327 8.34 -13.25 8.08
C GLN A 327 9.61 -13.54 8.86
N LEU A 328 10.12 -14.77 8.73
CA LEU A 328 11.37 -15.13 9.41
C LEU A 328 12.57 -14.46 8.77
N PHE A 329 12.62 -14.41 7.43
CA PHE A 329 13.76 -13.79 6.76
C PHE A 329 13.89 -12.31 7.16
N VAL A 330 12.76 -11.61 7.29
CA VAL A 330 12.83 -10.19 7.68
C VAL A 330 13.38 -10.08 9.10
N GLU A 331 12.88 -10.92 10.02
CA GLU A 331 13.38 -10.85 11.39
C GLU A 331 14.86 -11.19 11.48
N VAL A 332 15.32 -12.18 10.69
CA VAL A 332 16.75 -12.51 10.75
C VAL A 332 17.58 -11.41 10.10
N ALA A 333 17.10 -10.85 8.99
CA ALA A 333 17.85 -9.77 8.37
C ALA A 333 17.96 -8.55 9.28
N ARG A 334 16.93 -8.30 10.11
CA ARG A 334 17.03 -7.23 11.10
C ARG A 334 18.16 -7.51 12.08
N GLU A 335 18.24 -8.75 12.58
CA GLU A 335 19.30 -9.08 13.53
C GLU A 335 20.67 -8.95 12.88
N TRP A 336 20.79 -9.35 11.62
CA TRP A 336 22.06 -9.21 10.91
C TRP A 336 22.41 -7.74 10.68
N ARG A 337 21.38 -6.92 10.40
CA ARG A 337 21.62 -5.50 10.22
C ARG A 337 22.04 -4.87 11.54
N ALA A 338 21.31 -5.16 12.61
CA ALA A 338 21.64 -4.61 13.92
C ALA A 338 23.03 -5.02 14.37
N ALA A 339 23.47 -6.21 13.99
CA ALA A 339 24.82 -6.64 14.32
C ALA A 339 25.87 -6.02 13.41
N GLY A 340 25.46 -5.18 12.45
CA GLY A 340 26.40 -4.60 11.51
C GLY A 340 26.94 -5.56 10.47
N LYS A 341 26.31 -6.72 10.28
CA LYS A 341 26.89 -7.78 9.48
C LYS A 341 26.33 -7.85 8.05
N LEU A 342 25.24 -7.16 7.77
CA LEU A 342 24.64 -7.20 6.44
C LEU A 342 25.48 -6.41 5.44
N LYS A 343 25.76 -7.01 4.28
CA LYS A 343 26.51 -6.31 3.25
C LYS A 343 25.70 -5.18 2.66
N ASP A 344 26.40 -4.12 2.28
CA ASP A 344 25.79 -3.02 1.55
C ASP A 344 25.71 -3.39 0.07
N ARG A 345 24.50 -3.30 -0.50
CA ARG A 345 24.25 -3.72 -1.87
C ARG A 345 24.00 -2.55 -2.82
N GLY A 346 24.14 -1.31 -2.35
CA GLY A 346 23.63 -0.19 -3.13
C GLY A 346 24.35 -0.05 -4.46
N GLU A 347 25.66 -0.31 -4.48
CA GLU A 347 26.36 -0.28 -5.74
C GLU A 347 25.90 -1.38 -6.67
N TRP A 348 25.67 -2.59 -6.12
CA TRP A 348 25.10 -3.66 -6.95
C TRP A 348 23.67 -3.34 -7.36
N ALA A 349 22.87 -2.73 -6.49
CA ALA A 349 21.52 -2.43 -6.95
C ALA A 349 21.55 -1.41 -8.08
N GLU A 350 22.47 -0.44 -8.01
CA GLU A 350 22.43 0.65 -8.98
C GLU A 350 22.74 0.16 -10.40
N SER A 351 23.73 -0.73 -10.54
CA SER A 351 24.04 -1.14 -11.90
C SER A 351 23.01 -2.11 -12.46
N CYS A 352 22.22 -2.75 -11.60
CA CYS A 352 21.04 -3.48 -12.08
C CYS A 352 20.00 -2.51 -12.63
N ARG A 353 19.88 -1.32 -12.03
CA ARG A 353 18.95 -0.32 -12.56
C ARG A 353 19.44 0.24 -13.88
N GLU A 354 20.77 0.46 -14.01
CA GLU A 354 21.29 0.93 -15.28
C GLU A 354 21.02 -0.07 -16.39
N ARG A 355 21.27 -1.36 -16.11
CA ARG A 355 21.01 -2.37 -17.14
C ARG A 355 19.54 -2.45 -17.46
N LYS A 356 18.68 -2.29 -16.45
CA LYS A 356 17.25 -2.30 -16.73
C LYS A 356 16.86 -1.09 -17.56
N ARG A 357 17.46 0.06 -17.24
CA ARG A 357 17.16 1.29 -17.97
C ARG A 357 17.60 1.19 -19.43
N THR A 358 18.70 0.48 -19.69
CA THR A 358 19.30 0.45 -21.01
C THR A 358 18.79 -0.71 -21.87
N LEU A 360 15.91 -1.52 -22.74
CA LEU A 360 14.54 -1.21 -23.15
C LEU A 360 14.51 -0.87 -24.63
N ARG A 361 13.47 -1.29 -25.33
CA ARG A 361 13.28 -0.92 -26.73
C ARG A 361 12.51 0.39 -26.79
N LYS A 362 13.20 1.46 -27.17
CA LYS A 362 12.61 2.81 -27.21
C LYS A 362 11.92 3.05 -28.55
N THR A 363 10.89 2.24 -28.82
CA THR A 363 10.27 2.16 -30.14
C THR A 363 8.81 2.59 -30.07
N HIS A 364 8.49 3.74 -30.68
CA HIS A 364 7.12 4.25 -30.81
C HIS A 364 6.73 4.17 -32.27
N TYR A 365 5.83 3.24 -32.61
CA TYR A 365 5.49 2.96 -34.00
C TYR A 365 4.29 3.77 -34.47
N ASP A 366 4.46 4.47 -35.59
CA ASP A 366 3.41 5.22 -36.28
C ASP A 366 2.69 4.38 -37.32
N ASN A 367 3.10 3.12 -37.51
CA ASN A 367 2.70 2.36 -38.68
C ASN A 367 1.19 2.18 -38.74
N VAL A 368 0.66 2.23 -39.96
CA VAL A 368 -0.66 1.74 -40.31
C VAL A 368 -0.44 0.67 -41.37
N PRO A 369 -0.79 -0.59 -41.12
CA PRO A 369 -1.49 -1.21 -39.98
C PRO A 369 -0.75 -1.09 -38.65
N ILE A 370 -1.52 -1.03 -37.56
CA ILE A 370 -0.96 -0.83 -36.23
C ILE A 370 -0.04 -2.00 -35.84
N LYS A 371 1.09 -1.67 -35.21
CA LYS A 371 2.01 -2.62 -34.60
C LYS A 371 1.53 -2.96 -33.18
N PRO A 372 1.61 -4.24 -32.79
CA PRO A 372 1.20 -4.61 -31.42
C PRO A 372 1.95 -3.86 -30.34
N GLN A 373 3.22 -3.52 -30.56
CA GLN A 373 3.95 -2.79 -29.54
C GLN A 373 3.32 -1.44 -29.26
N ARG A 374 2.76 -0.78 -30.28
CA ARG A 374 2.11 0.51 -30.05
C ARG A 374 0.86 0.38 -29.19
N VAL A 375 0.14 -0.74 -29.33
CA VAL A 375 -1.03 -0.96 -28.48
C VAL A 375 -0.62 -1.02 -27.01
N TYR A 376 0.48 -1.74 -26.69
CA TYR A 376 0.89 -1.83 -25.29
C TYR A 376 1.32 -0.46 -24.76
N GLU A 377 2.05 0.30 -25.57
CA GLU A 377 2.46 1.63 -25.16
C GLU A 377 1.26 2.51 -24.83
N GLU A 378 0.17 2.38 -25.60
CA GLU A 378 -1.02 3.18 -25.30
C GLU A 378 -1.80 2.65 -24.10
N ASN A 380 -0.45 1.53 -21.49
CA ASN A 380 0.31 2.09 -20.38
C ASN A 380 -0.06 3.55 -20.12
N LYS A 381 -0.45 4.30 -21.15
CA LYS A 381 -0.88 5.68 -20.97
C LYS A 381 -2.35 5.75 -20.53
N ALA A 382 -3.19 4.84 -21.02
CA ALA A 382 -4.61 4.92 -20.74
C ALA A 382 -4.96 4.53 -19.32
N PHE A 383 -4.27 3.54 -18.77
CA PHE A 383 -4.69 2.93 -17.52
C PHE A 383 -3.69 3.25 -16.42
N GLY A 384 -4.20 3.49 -15.22
CA GLY A 384 -3.37 3.85 -14.08
C GLY A 384 -2.84 2.65 -13.31
N ARG A 385 -2.26 2.94 -12.15
CA ARG A 385 -1.66 1.90 -11.32
C ARG A 385 -2.69 0.91 -10.79
N ASP A 386 -3.95 1.33 -10.67
CA ASP A 386 -4.94 0.43 -10.07
C ASP A 386 -5.62 -0.46 -11.11
N VAL A 387 -5.25 -0.36 -12.38
CA VAL A 387 -5.84 -1.26 -13.37
C VAL A 387 -5.46 -2.71 -13.03
N THR A 388 -6.40 -3.63 -13.25
CA THR A 388 -6.15 -5.06 -13.17
C THR A 388 -6.16 -5.64 -14.58
N TYR A 389 -5.03 -6.19 -15.02
CA TYR A 389 -4.96 -6.85 -16.33
C TYR A 389 -5.28 -8.33 -16.24
N VAL A 390 -5.94 -8.86 -17.28
CA VAL A 390 -6.33 -10.27 -17.36
C VAL A 390 -5.99 -10.79 -18.75
N THR A 391 -5.16 -11.82 -18.83
CA THR A 391 -4.74 -12.29 -20.15
C THR A 391 -4.02 -13.63 -20.04
N THR A 392 -3.85 -14.29 -21.18
CA THR A 392 -2.91 -15.41 -21.29
C THR A 392 -1.76 -15.12 -22.24
N ILE A 393 -1.51 -13.85 -22.57
CA ILE A 393 -0.72 -13.51 -23.76
C ILE A 393 0.68 -14.12 -23.69
N GLY A 394 1.28 -14.20 -22.50
CA GLY A 394 2.54 -14.89 -22.35
C GLY A 394 3.74 -14.29 -23.07
N LEU A 395 3.73 -14.32 -24.41
CA LEU A 395 4.89 -13.90 -25.19
C LEU A 395 4.73 -12.44 -25.62
N SER A 396 5.01 -11.55 -24.68
CA SER A 396 5.06 -10.12 -24.97
C SER A 396 6.24 -9.77 -25.87
N GLN A 397 7.33 -10.51 -25.78
CA GLN A 397 8.55 -10.17 -26.51
C GLN A 397 9.43 -11.40 -26.60
N ILE A 398 10.31 -11.41 -27.61
CA ILE A 398 11.24 -12.52 -27.80
C ILE A 398 12.41 -12.47 -26.82
N ALA A 399 12.67 -11.33 -26.18
CA ALA A 399 13.72 -11.21 -25.19
C ALA A 399 13.39 -10.07 -24.22
N GLY A 400 13.33 -8.85 -24.75
CA GLY A 400 12.83 -7.71 -24.01
C GLY A 400 12.03 -6.82 -24.93
N GLY A 401 10.93 -6.25 -24.46
CA GLY A 401 10.05 -5.53 -25.38
C GLY A 401 9.11 -4.57 -24.70
N GLN A 402 8.57 -3.66 -25.51
CA GLN A 402 7.56 -2.72 -25.04
C GLN A 402 6.33 -3.49 -24.61
N PHE A 403 5.93 -3.32 -23.34
CA PHE A 403 4.83 -4.10 -22.81
C PHE A 403 4.22 -3.34 -21.63
N LEU A 404 3.43 -4.05 -20.83
CA LEU A 404 2.63 -3.45 -19.79
C LEU A 404 3.44 -3.26 -18.51
N HIS A 405 2.82 -2.63 -17.52
CA HIS A 405 3.41 -2.45 -16.21
C HIS A 405 2.38 -2.81 -15.17
N VAL A 406 2.87 -3.39 -14.07
CA VAL A 406 2.05 -3.81 -12.95
C VAL A 406 2.66 -3.22 -11.68
N TYR A 407 1.81 -2.71 -10.80
CA TYR A 407 2.25 -2.06 -9.58
C TYR A 407 1.73 -2.69 -8.29
N LYS A 408 0.70 -3.51 -8.35
CA LYS A 408 0.10 -4.08 -7.14
C LYS A 408 -0.02 -5.59 -7.29
N PRO A 409 0.04 -6.34 -6.18
CA PRO A 409 -0.18 -7.78 -6.27
C PRO A 409 -1.59 -8.09 -6.75
N ARG A 410 -1.71 -9.14 -7.58
CA ARG A 410 -2.98 -9.60 -8.14
C ARG A 410 -3.58 -8.62 -9.14
N HIS A 411 -2.79 -7.68 -9.64
CA HIS A 411 -3.24 -6.86 -10.75
C HIS A 411 -2.72 -7.38 -12.08
N TRP A 412 -2.00 -8.51 -12.05
CA TRP A 412 -1.68 -9.29 -13.23
C TRP A 412 -2.30 -10.67 -13.05
N ILE A 413 -3.40 -10.93 -13.77
CA ILE A 413 -4.17 -12.17 -13.61
C ILE A 413 -3.94 -12.98 -14.89
N ASN A 414 -3.07 -13.98 -14.82
CA ASN A 414 -2.64 -14.65 -16.04
C ASN A 414 -2.50 -16.13 -15.79
N ALA A 415 -3.17 -16.94 -16.60
CA ALA A 415 -3.03 -18.39 -16.54
C ALA A 415 -1.79 -18.74 -17.37
N GLY A 416 -0.62 -18.67 -16.74
CA GLY A 416 0.60 -18.81 -17.50
C GLY A 416 0.89 -20.23 -17.94
N GLN A 417 1.00 -21.13 -16.96
CA GLN A 417 1.49 -22.47 -17.24
C GLN A 417 0.54 -23.24 -18.15
N ALA A 418 -0.76 -22.99 -18.06
CA ALA A 418 -1.70 -23.84 -18.80
C ALA A 418 -2.87 -23.05 -19.36
N GLY A 419 -2.68 -21.76 -19.64
CA GLY A 419 -3.77 -20.92 -20.10
C GLY A 419 -4.28 -21.36 -21.46
N PRO A 420 -5.49 -21.91 -21.48
CA PRO A 420 -6.13 -22.23 -22.77
C PRO A 420 -6.62 -20.97 -23.48
N LEU A 421 -6.74 -21.09 -24.80
CA LEU A 421 -7.54 -20.15 -25.56
C LEU A 421 -8.96 -20.15 -25.00
N GLY A 422 -9.52 -18.94 -24.84
CA GLY A 422 -10.82 -18.74 -24.26
C GLY A 422 -10.86 -18.59 -22.75
N TRP A 423 -9.72 -18.71 -22.08
CA TRP A 423 -9.68 -18.47 -20.64
C TRP A 423 -9.99 -17.00 -20.31
N THR A 424 -9.49 -16.08 -21.12
CA THR A 424 -9.42 -14.67 -20.69
C THR A 424 -10.80 -14.04 -20.47
N VAL A 425 -11.72 -14.21 -21.41
CA VAL A 425 -13.01 -13.52 -21.27
C VAL A 425 -13.74 -13.98 -20.01
N PRO A 426 -14.00 -15.29 -19.81
CA PRO A 426 -14.64 -15.70 -18.54
C PRO A 426 -13.79 -15.38 -17.30
N ALA A 427 -12.46 -15.44 -17.39
CA ALA A 427 -11.66 -15.11 -16.21
C ALA A 427 -11.86 -13.66 -15.81
N ALA A 428 -11.90 -12.74 -16.80
CA ALA A 428 -12.13 -11.33 -16.49
C ALA A 428 -13.50 -11.12 -15.89
N LEU A 429 -14.49 -11.91 -16.31
CA LEU A 429 -15.82 -11.78 -15.74
C LEU A 429 -15.81 -12.17 -14.27
N GLY A 430 -15.07 -13.24 -13.94
CA GLY A 430 -14.93 -13.60 -12.54
C GLY A 430 -14.15 -12.58 -11.73
N VAL A 431 -13.12 -11.99 -12.33
CA VAL A 431 -12.40 -10.91 -11.62
C VAL A 431 -13.35 -9.77 -11.34
N ALA A 432 -14.23 -9.45 -12.31
CA ALA A 432 -15.18 -8.35 -12.14
C ALA A 432 -16.19 -8.66 -11.04
N ALA A 433 -16.65 -9.91 -10.98
CA ALA A 433 -17.57 -10.31 -9.92
C ALA A 433 -16.90 -10.25 -8.55
N ALA A 434 -15.59 -10.49 -8.49
CA ALA A 434 -14.89 -10.42 -7.22
C ALA A 434 -14.67 -8.98 -6.76
N LYS A 435 -14.57 -8.03 -7.70
CA LYS A 435 -14.18 -6.66 -7.38
C LYS A 435 -15.07 -5.65 -8.12
N PRO A 436 -16.33 -5.53 -7.72
CA PRO A 436 -17.19 -4.51 -8.36
C PRO A 436 -16.63 -3.12 -8.13
N GLY A 437 -16.72 -2.29 -9.17
CA GLY A 437 -16.15 -0.96 -9.16
C GLY A 437 -14.72 -0.88 -9.65
N ALA A 438 -14.00 -1.99 -9.68
CA ALA A 438 -12.61 -1.97 -10.11
C ALA A 438 -12.51 -1.95 -11.64
N GLU A 439 -11.42 -1.38 -12.15
CA GLU A 439 -11.19 -1.26 -13.58
C GLU A 439 -10.40 -2.46 -14.07
N ILE A 440 -11.03 -3.32 -14.87
CA ILE A 440 -10.42 -4.57 -15.29
C ILE A 440 -10.23 -4.50 -16.80
N VAL A 441 -9.04 -4.86 -17.28
CA VAL A 441 -8.69 -4.74 -18.69
C VAL A 441 -8.15 -6.08 -19.16
N ALA A 442 -8.83 -6.70 -20.12
CA ALA A 442 -8.37 -7.96 -20.69
C ALA A 442 -7.62 -7.71 -21.99
N LEU A 443 -6.78 -8.67 -22.38
CA LEU A 443 -6.03 -8.55 -23.61
C LEU A 443 -6.02 -9.90 -24.32
N SER A 444 -6.44 -9.92 -25.60
CA SER A 444 -6.54 -11.17 -26.33
C SER A 444 -6.37 -10.92 -27.83
N GLY A 445 -5.79 -11.92 -28.53
CA GLY A 445 -5.91 -12.03 -29.97
C GLY A 445 -7.25 -12.62 -30.38
N ASP A 446 -7.53 -12.60 -31.69
CA ASP A 446 -8.88 -12.96 -32.13
C ASP A 446 -9.19 -14.45 -31.92
N TYR A 447 -8.20 -15.33 -32.09
CA TYR A 447 -8.47 -16.76 -31.88
C TYR A 447 -8.90 -17.03 -30.44
N ASP A 448 -8.12 -16.53 -29.48
CA ASP A 448 -8.46 -16.69 -28.07
C ASP A 448 -9.82 -16.08 -27.75
N PHE A 449 -10.13 -14.93 -28.34
CA PHE A 449 -11.40 -14.23 -28.10
C PHE A 449 -12.60 -15.06 -28.58
N GLN A 450 -12.46 -15.74 -29.71
CA GLN A 450 -13.57 -16.49 -30.27
C GLN A 450 -13.97 -17.73 -29.47
N PHE A 451 -13.03 -18.38 -28.76
CA PHE A 451 -13.34 -19.65 -28.08
C PHE A 451 -14.56 -19.52 -27.17
N ILE A 453 -16.48 -16.65 -26.81
CA ILE A 453 -17.02 -15.34 -27.12
C ILE A 453 -18.40 -15.17 -26.53
N GLU A 454 -19.22 -16.24 -26.50
CA GLU A 454 -20.58 -16.15 -25.98
C GLU A 454 -20.62 -15.73 -24.51
N GLU A 455 -19.53 -15.91 -23.74
CA GLU A 455 -19.56 -15.53 -22.34
C GLU A 455 -19.73 -14.02 -22.14
N LEU A 456 -19.48 -13.19 -23.17
CA LEU A 456 -19.71 -11.75 -23.02
C LEU A 456 -21.16 -11.46 -22.64
N ALA A 457 -22.10 -12.28 -23.11
CA ALA A 457 -23.49 -12.10 -22.72
C ALA A 457 -23.70 -12.25 -21.21
N VAL A 458 -22.83 -13.03 -20.53
CA VAL A 458 -22.89 -13.09 -19.07
C VAL A 458 -22.62 -11.72 -18.48
N GLY A 459 -21.66 -10.98 -19.04
CA GLY A 459 -21.38 -9.65 -18.56
C GLY A 459 -22.48 -8.66 -18.87
N ALA A 460 -23.24 -8.88 -19.95
CA ALA A 460 -24.39 -8.02 -20.17
C ALA A 460 -25.55 -8.38 -19.26
N GLN A 461 -25.74 -9.66 -18.95
CA GLN A 461 -26.89 -10.04 -18.14
C GLN A 461 -26.72 -9.62 -16.68
N PHE A 462 -25.51 -9.72 -16.13
CA PHE A 462 -25.29 -9.44 -14.72
C PHE A 462 -24.54 -8.14 -14.50
N ASN A 463 -24.34 -7.35 -15.56
CA ASN A 463 -23.66 -6.06 -15.50
C ASN A 463 -22.30 -6.19 -14.83
N LEU A 464 -21.38 -6.81 -15.58
CA LEU A 464 -20.03 -7.11 -15.12
C LEU A 464 -19.08 -6.40 -16.08
N PRO A 465 -18.98 -5.08 -15.98
CA PRO A 465 -18.14 -4.32 -16.92
C PRO A 465 -16.66 -4.65 -16.81
N PHE A 466 -16.00 -4.68 -17.98
CA PHE A 466 -14.55 -4.70 -18.11
C PHE A 466 -14.27 -4.31 -19.54
N ILE A 467 -13.05 -3.87 -19.79
CA ILE A 467 -12.64 -3.48 -21.14
C ILE A 467 -11.85 -4.62 -21.75
N GLN A 468 -12.29 -5.08 -22.93
CA GLN A 468 -11.53 -6.09 -23.65
C GLN A 468 -10.69 -5.40 -24.73
N VAL A 469 -9.37 -5.48 -24.62
CA VAL A 469 -8.52 -5.11 -25.72
C VAL A 469 -8.39 -6.34 -26.63
N LEU A 470 -8.86 -6.20 -27.86
CA LEU A 470 -8.88 -7.31 -28.82
C LEU A 470 -7.96 -6.96 -29.96
N VAL A 471 -6.79 -7.58 -30.03
CA VAL A 471 -5.87 -7.29 -31.13
C VAL A 471 -6.16 -8.28 -32.25
N ASN A 472 -6.64 -7.77 -33.39
CA ASN A 472 -7.10 -8.63 -34.49
C ASN A 472 -6.07 -8.61 -35.62
N ASN A 473 -5.35 -9.72 -35.80
CA ASN A 473 -4.39 -9.80 -36.90
C ASN A 473 -4.91 -10.58 -38.11
N SER A 474 -6.18 -11.01 -38.11
CA SER A 474 -6.79 -11.68 -39.25
C SER A 474 -7.58 -10.76 -40.15
N TYR A 475 -7.77 -9.51 -39.76
CA TYR A 475 -8.71 -8.63 -40.45
C TYR A 475 -8.25 -8.29 -41.87
N LEU A 476 -6.95 -8.10 -42.06
CA LEU A 476 -6.46 -7.64 -43.38
C LEU A 476 -6.57 -8.69 -44.48
N GLY A 477 -6.48 -9.99 -44.15
CA GLY A 477 -6.85 -10.99 -45.15
C GLY A 477 -5.83 -11.96 -45.74
N LEU A 478 -5.41 -11.73 -46.99
CA LEU A 478 -4.75 -12.72 -47.83
C LEU A 478 -3.24 -12.48 -47.93
N ILE A 479 -2.52 -13.53 -48.30
CA ILE A 479 -1.08 -13.48 -48.58
C ILE A 479 -0.82 -14.19 -49.90
N ARG A 480 0.42 -14.04 -50.39
CA ARG A 480 0.93 -14.78 -51.55
C ARG A 480 0.15 -14.54 -52.83
N GLN A 481 0.35 -15.40 -53.82
CA GLN A 481 -0.40 -15.36 -55.06
C GLN A 481 -1.81 -15.89 -54.85
N SER A 482 -2.72 -15.47 -55.72
CA SER A 482 -4.12 -15.84 -55.62
C SER A 482 -4.33 -17.29 -56.04
N GLN A 483 -4.91 -18.09 -55.13
CA GLN A 483 -5.30 -19.49 -55.40
C GLN A 483 -4.13 -20.35 -55.88
N ARG A 484 -3.01 -20.28 -55.16
CA ARG A 484 -1.86 -21.11 -55.47
C ARG A 484 -1.49 -21.88 -54.20
N GLY A 485 -0.45 -21.45 -53.48
CA GLY A 485 -0.19 -22.01 -52.17
C GLY A 485 -1.04 -21.44 -51.06
N PHE A 486 -1.83 -20.41 -51.38
CA PHE A 486 -2.78 -19.87 -50.41
C PHE A 486 -3.86 -20.88 -50.05
N ASP A 487 -4.17 -21.82 -50.96
CA ASP A 487 -5.25 -22.77 -50.71
C ASP A 487 -4.96 -23.70 -49.54
N ASP A 489 -2.68 -22.85 -47.06
CA ASP A 489 -2.57 -21.93 -45.92
C ASP A 489 -3.93 -21.46 -45.44
N TYR A 490 -4.92 -21.41 -46.35
CA TYR A 490 -6.26 -20.95 -45.98
C TYR A 490 -6.86 -21.81 -44.89
N GLN A 491 -6.53 -23.10 -44.89
CA GLN A 491 -7.08 -24.07 -43.96
C GLN A 491 -6.55 -23.94 -42.55
N VAL A 492 -5.46 -23.19 -42.35
CA VAL A 492 -4.88 -23.11 -41.01
C VAL A 492 -4.83 -21.65 -40.56
N GLN A 493 -5.77 -20.84 -41.05
CA GLN A 493 -5.84 -19.45 -40.63
C GLN A 493 -7.32 -19.05 -40.58
N LEU A 494 -7.58 -17.84 -40.07
CA LEU A 494 -8.91 -17.40 -39.65
C LEU A 494 -9.61 -16.45 -40.63
N SER A 495 -8.91 -15.89 -41.60
CA SER A 495 -9.54 -14.94 -42.51
C SER A 495 -10.45 -15.65 -43.51
N PHE A 496 -11.54 -14.97 -43.87
CA PHE A 496 -12.41 -15.40 -44.96
C PHE A 496 -13.25 -14.21 -45.42
N GLU A 497 -13.87 -14.36 -46.58
CA GLU A 497 -14.72 -13.31 -47.12
C GLU A 497 -16.07 -13.35 -46.40
N ASN A 498 -16.31 -12.38 -45.53
CA ASN A 498 -17.57 -12.28 -44.82
C ASN A 498 -18.60 -11.71 -45.80
N ILE A 499 -19.60 -12.51 -46.17
CA ILE A 499 -20.54 -12.11 -47.21
C ILE A 499 -21.56 -11.09 -46.73
N ASN A 500 -21.66 -10.87 -45.42
CA ASN A 500 -22.56 -9.89 -44.82
C ASN A 500 -21.95 -8.49 -44.76
N SER A 501 -20.73 -8.32 -45.24
CA SER A 501 -20.02 -7.05 -45.27
C SER A 501 -20.37 -6.27 -46.55
N PRO A 502 -20.50 -4.96 -46.43
CA PRO A 502 -20.83 -4.14 -47.60
C PRO A 502 -19.81 -4.22 -48.74
N GLU A 503 -18.53 -4.43 -48.44
CA GLU A 503 -17.45 -4.29 -49.41
C GLU A 503 -16.64 -5.58 -49.52
N VAL A 504 -15.86 -5.68 -50.59
CA VAL A 504 -14.93 -6.80 -50.74
C VAL A 504 -14.01 -6.82 -49.53
N ASN A 505 -13.77 -8.02 -48.99
CA ASN A 505 -13.03 -8.11 -47.74
C ASN A 505 -12.49 -9.53 -47.55
N GLY A 506 -11.56 -9.66 -46.61
CA GLY A 506 -11.17 -10.92 -46.02
C GLY A 506 -11.19 -10.82 -44.51
N TYR A 507 -12.21 -10.15 -43.98
CA TYR A 507 -12.28 -9.80 -42.57
C TYR A 507 -12.40 -11.02 -41.67
N GLY A 508 -13.00 -12.11 -42.15
CA GLY A 508 -13.46 -13.14 -41.25
C GLY A 508 -14.60 -12.65 -40.38
N VAL A 509 -14.58 -13.07 -39.11
CA VAL A 509 -15.64 -12.72 -38.16
C VAL A 509 -15.67 -11.21 -37.94
N ASP A 510 -16.89 -10.64 -37.99
CA ASP A 510 -17.13 -9.24 -37.59
C ASP A 510 -17.38 -9.22 -36.09
N HIS A 511 -16.32 -8.99 -35.33
CA HIS A 511 -16.43 -9.06 -33.88
C HIS A 511 -17.38 -8.00 -33.35
N LEU A 512 -17.48 -6.86 -34.04
CA LEU A 512 -18.35 -5.78 -33.59
C LEU A 512 -19.82 -6.18 -33.65
N LYS A 513 -20.24 -6.80 -34.75
CA LYS A 513 -21.61 -7.31 -34.83
C LYS A 513 -21.88 -8.38 -33.77
N VAL A 514 -20.91 -9.28 -33.56
CA VAL A 514 -21.09 -10.33 -32.55
C VAL A 514 -21.21 -9.73 -31.16
N VAL A 515 -20.31 -8.82 -30.82
CA VAL A 515 -20.33 -8.20 -29.49
C VAL A 515 -21.64 -7.44 -29.29
N GLU A 516 -22.11 -6.78 -30.35
CA GLU A 516 -23.38 -6.06 -30.26
C GLU A 516 -24.54 -7.02 -30.03
N GLY A 517 -24.57 -8.14 -30.74
CA GLY A 517 -25.62 -9.12 -30.50
C GLY A 517 -25.58 -9.68 -29.09
N LEU A 518 -24.38 -9.83 -28.52
CA LEU A 518 -24.25 -10.32 -27.15
C LEU A 518 -24.59 -9.28 -26.11
N GLY A 519 -25.01 -8.08 -26.52
CA GLY A 519 -25.48 -7.09 -25.56
C GLY A 519 -24.42 -6.17 -25.01
N CYS A 520 -23.22 -6.16 -25.58
CA CYS A 520 -22.10 -5.41 -25.08
C CYS A 520 -21.74 -4.31 -26.08
N LYS A 521 -20.83 -3.43 -25.69
CA LYS A 521 -20.44 -2.31 -26.54
C LYS A 521 -19.13 -2.64 -27.22
N ALA A 522 -18.90 -2.09 -28.41
CA ALA A 522 -17.67 -2.36 -29.13
C ALA A 522 -17.26 -1.16 -29.97
N LEU A 523 -15.95 -1.05 -30.20
CA LEU A 523 -15.34 0.02 -30.99
C LEU A 523 -14.23 -0.60 -31.82
N ARG A 524 -13.93 0.00 -32.95
CA ARG A 524 -12.87 -0.47 -33.82
C ARG A 524 -11.85 0.64 -34.05
N VAL A 525 -10.57 0.28 -34.07
CA VAL A 525 -9.48 1.24 -34.21
C VAL A 525 -8.57 0.80 -35.35
N PHE A 526 -8.25 1.73 -36.23
CA PHE A 526 -7.38 1.48 -37.38
C PHE A 526 -6.08 2.26 -37.33
N LYS A 527 -6.07 3.44 -36.74
CA LYS A 527 -4.93 4.32 -36.77
C LYS A 527 -4.35 4.42 -35.37
N PRO A 528 -3.03 4.44 -35.23
CA PRO A 528 -2.43 4.37 -33.88
C PRO A 528 -2.86 5.51 -32.96
N ASP A 529 -3.06 6.71 -33.50
CA ASP A 529 -3.40 7.84 -32.66
C ASP A 529 -4.80 7.74 -32.10
N ASP A 530 -5.63 6.87 -32.65
CA ASP A 530 -6.96 6.65 -32.12
C ASP A 530 -7.01 5.63 -30.97
N ILE A 531 -5.90 4.97 -30.65
CA ILE A 531 -5.97 3.90 -29.65
C ILE A 531 -6.29 4.48 -28.27
N LEU A 532 -5.51 5.44 -27.81
CA LEU A 532 -5.76 6.02 -26.50
C LEU A 532 -7.16 6.63 -26.41
N PRO A 533 -7.62 7.46 -27.35
CA PRO A 533 -9.00 7.95 -27.26
C PRO A 533 -10.03 6.84 -27.25
N ALA A 534 -9.78 5.76 -28.00
CA ALA A 534 -10.70 4.63 -27.92
C ALA A 534 -10.74 4.04 -26.52
N PHE A 535 -9.58 3.88 -25.88
CA PHE A 535 -9.60 3.33 -24.52
C PHE A 535 -10.38 4.23 -23.57
N GLU A 536 -10.27 5.54 -23.76
CA GLU A 536 -10.94 6.46 -22.84
C GLU A 536 -12.44 6.49 -23.08
N LYS A 537 -12.86 6.41 -24.34
CA LYS A 537 -14.29 6.24 -24.62
C LYS A 537 -14.78 4.92 -24.07
N ALA A 538 -13.94 3.87 -24.14
CA ALA A 538 -14.33 2.58 -23.54
C ALA A 538 -14.56 2.72 -22.05
N ARG A 539 -13.72 3.49 -21.37
CA ARG A 539 -13.91 3.70 -19.94
C ARG A 539 -15.23 4.40 -19.66
N ASP A 540 -15.58 5.41 -20.49
CA ASP A 540 -16.84 6.11 -20.28
C ASP A 540 -18.02 5.19 -20.57
N LEU A 541 -17.97 4.45 -21.70
CA LEU A 541 -19.06 3.53 -22.02
C LEU A 541 -19.24 2.48 -20.93
N GLN A 543 -18.51 2.90 -17.68
CA GLN A 543 -19.12 3.55 -16.52
C GLN A 543 -20.59 3.88 -16.77
N GLU A 544 -20.96 4.19 -18.01
CA GLU A 544 -22.32 4.58 -18.31
C GLU A 544 -23.26 3.39 -18.43
N TYR A 545 -22.85 2.34 -19.16
CA TYR A 545 -23.73 1.20 -19.39
C TYR A 545 -23.46 0.03 -18.45
N ARG A 546 -22.29 -0.04 -17.83
CA ARG A 546 -21.93 -1.12 -16.91
C ARG A 546 -22.09 -2.49 -17.58
N VAL A 547 -21.60 -2.60 -18.81
CA VAL A 547 -21.49 -3.86 -19.54
C VAL A 547 -20.10 -3.90 -20.16
N PRO A 548 -19.63 -5.08 -20.59
CA PRO A 548 -18.29 -5.14 -21.20
C PRO A 548 -18.20 -4.30 -22.47
N VAL A 549 -17.02 -3.71 -22.67
CA VAL A 549 -16.75 -2.90 -23.86
C VAL A 549 -15.52 -3.49 -24.55
N VAL A 550 -15.67 -3.87 -25.81
CA VAL A 550 -14.59 -4.46 -26.59
C VAL A 550 -13.97 -3.39 -27.47
N VAL A 551 -12.65 -3.18 -27.35
CA VAL A 551 -11.93 -2.31 -28.28
C VAL A 551 -11.15 -3.18 -29.25
N GLU A 552 -11.58 -3.24 -30.52
CA GLU A 552 -10.89 -4.09 -31.48
C GLU A 552 -9.84 -3.28 -32.22
N VAL A 553 -8.58 -3.70 -32.10
CA VAL A 553 -7.49 -2.98 -32.76
C VAL A 553 -7.02 -3.79 -33.97
N ILE A 554 -7.02 -3.16 -35.14
CA ILE A 554 -6.67 -3.83 -36.40
C ILE A 554 -5.15 -3.82 -36.56
N LEU A 555 -4.52 -4.99 -36.47
CA LEU A 555 -3.08 -5.21 -36.58
C LEU A 555 -2.69 -5.65 -37.99
N GLU A 556 -1.40 -5.87 -38.21
CA GLU A 556 -0.84 -6.02 -39.55
C GLU A 556 -0.81 -7.44 -40.12
N ARG A 557 -0.49 -8.46 -39.32
CA ARG A 557 0.12 -9.70 -39.85
C ARG A 557 -0.54 -10.27 -41.10
N VAL A 558 -1.63 -11.04 -40.94
CA VAL A 558 -2.11 -11.94 -42.00
C VAL A 558 -2.53 -11.19 -43.25
N PRO B 2 -35.82 11.94 12.18
CA PRO B 2 -35.57 11.78 13.62
C PRO B 2 -35.32 13.10 14.33
N ARG B 3 -35.75 13.15 15.59
CA ARG B 3 -35.37 14.21 16.52
C ARG B 3 -34.34 13.68 17.51
N THR B 5 -30.70 15.10 20.28
CA THR B 5 -29.97 16.22 20.84
C THR B 5 -28.96 16.74 19.81
N ALA B 6 -28.66 18.04 19.91
CA ALA B 6 -27.68 18.63 19.01
C ALA B 6 -26.35 17.88 19.09
N VAL B 7 -26.01 17.40 20.27
CA VAL B 7 -24.72 16.73 20.42
C VAL B 7 -24.77 15.31 19.84
N GLU B 8 -25.92 14.63 19.93
CA GLU B 8 -26.04 13.37 19.18
C GLU B 8 -25.87 13.61 17.68
N ALA B 9 -26.49 14.68 17.15
CA ALA B 9 -26.31 14.99 15.72
C ALA B 9 -24.85 15.31 15.40
N ALA B 10 -24.15 15.99 16.32
CA ALA B 10 -22.72 16.22 16.13
C ALA B 10 -21.96 14.91 16.01
N VAL B 11 -22.33 13.92 16.81
CA VAL B 11 -21.64 12.64 16.76
C VAL B 11 -21.92 11.93 15.43
N HIS B 12 -23.16 12.00 14.96
CA HIS B 12 -23.46 11.42 13.65
C HIS B 12 -22.62 12.07 12.55
N VAL B 13 -22.47 13.41 12.60
CA VAL B 13 -21.67 14.09 11.59
C VAL B 13 -20.24 13.60 11.64
N ARG B 15 -19.00 10.84 12.71
CA ARG B 15 -18.86 9.48 12.17
C ARG B 15 -18.99 9.47 10.65
N LEU B 16 -19.98 10.21 10.12
CA LEU B 16 -20.15 10.27 8.68
C LEU B 16 -18.95 10.92 8.00
N GLU B 17 -18.23 11.78 8.72
CA GLU B 17 -16.96 12.35 8.24
C GLU B 17 -15.77 11.42 8.51
N GLY B 18 -16.01 10.23 9.04
CA GLY B 18 -14.96 9.23 9.20
C GLY B 18 -14.26 9.18 10.55
N VAL B 19 -14.70 9.96 11.54
CA VAL B 19 -14.10 9.86 12.86
C VAL B 19 -14.48 8.53 13.51
N ASP B 20 -13.48 7.81 14.03
CA ASP B 20 -13.75 6.66 14.90
C ASP B 20 -12.87 6.69 16.15
N THR B 21 -12.21 7.81 16.42
CA THR B 21 -11.24 7.91 17.49
C THR B 21 -11.31 9.32 18.05
N ALA B 22 -11.23 9.44 19.36
CA ALA B 22 -11.16 10.73 20.02
C ALA B 22 -10.33 10.57 21.29
N PHE B 23 -9.64 11.65 21.66
CA PHE B 23 -8.83 11.76 22.88
C PHE B 23 -9.44 12.85 23.75
N GLY B 24 -9.52 12.61 25.05
CA GLY B 24 -10.22 13.62 25.83
C GLY B 24 -10.11 13.48 27.33
N VAL B 25 -10.54 14.54 27.99
CA VAL B 25 -10.68 14.63 29.44
C VAL B 25 -12.14 14.98 29.75
N PRO B 26 -12.94 14.04 30.24
CA PRO B 26 -14.36 14.33 30.51
C PRO B 26 -14.53 15.32 31.65
N GLY B 27 -15.68 15.96 31.65
CA GLY B 27 -16.08 16.91 32.67
C GLY B 27 -17.57 17.13 32.56
N ALA B 28 -18.11 17.89 33.50
CA ALA B 28 -19.56 18.01 33.61
C ALA B 28 -20.15 18.78 32.43
N ALA B 29 -19.52 19.91 32.04
CA ALA B 29 -20.06 20.72 30.95
C ALA B 29 -20.03 20.00 29.61
N ILE B 30 -19.17 19.00 29.44
CA ILE B 30 -19.06 18.27 28.18
C ILE B 30 -19.62 16.86 28.30
N ASN B 31 -20.22 16.52 29.45
CA ASN B 31 -20.84 15.21 29.63
C ASN B 31 -21.89 14.84 28.59
N PRO B 32 -22.79 15.74 28.14
CA PRO B 32 -23.76 15.32 27.10
C PRO B 32 -23.11 14.78 25.86
N LEU B 33 -21.95 15.33 25.46
CA LEU B 33 -21.25 14.78 24.30
C LEU B 33 -20.77 13.35 24.57
N TYR B 34 -20.31 13.08 25.80
CA TYR B 34 -19.88 11.71 26.11
C TYR B 34 -21.07 10.75 26.10
N ALA B 35 -22.20 11.16 26.66
CA ALA B 35 -23.38 10.31 26.60
C ALA B 35 -23.79 10.07 25.15
N ALA B 36 -23.67 11.10 24.30
CA ALA B 36 -23.96 10.91 22.88
C ALA B 36 -22.95 9.96 22.24
N LEU B 37 -21.67 10.04 22.64
CA LEU B 37 -20.68 9.09 22.13
C LEU B 37 -21.06 7.66 22.51
N ARG B 38 -21.54 7.47 23.73
CA ARG B 38 -21.97 6.13 24.14
C ARG B 38 -23.22 5.68 23.39
N LYS B 39 -24.17 6.59 23.16
CA LYS B 39 -25.43 6.20 22.52
C LYS B 39 -25.24 5.92 21.03
N VAL B 40 -24.55 6.81 20.32
CA VAL B 40 -24.40 6.59 18.87
C VAL B 40 -23.42 5.45 18.60
N GLY B 41 -22.35 5.35 19.37
CA GLY B 41 -21.37 4.30 19.20
C GLY B 41 -20.40 4.61 18.07
N GLY B 42 -19.42 3.72 17.91
CA GLY B 42 -18.52 3.80 16.78
C GLY B 42 -17.33 4.72 16.94
N VAL B 43 -17.20 5.42 18.06
CA VAL B 43 -16.02 6.23 18.32
C VAL B 43 -15.31 5.67 19.55
N ASN B 44 -14.05 5.28 19.38
CA ASN B 44 -13.23 4.81 20.49
C ASN B 44 -12.61 6.00 21.24
N HIS B 45 -12.90 6.13 22.53
CA HIS B 45 -12.36 7.22 23.32
C HIS B 45 -11.11 6.79 24.11
N ILE B 46 -10.06 7.60 24.02
CA ILE B 46 -8.82 7.39 24.73
C ILE B 46 -8.68 8.53 25.74
N LEU B 47 -8.73 8.20 27.02
CA LEU B 47 -8.72 9.23 28.04
C LEU B 47 -7.28 9.68 28.31
N ALA B 48 -7.06 10.99 28.20
CA ALA B 48 -5.76 11.62 28.42
C ALA B 48 -5.58 11.95 29.90
N ARG B 49 -4.32 12.15 30.30
CA ARG B 49 -4.02 12.51 31.69
C ARG B 49 -3.76 13.99 31.85
N HIS B 50 -4.03 14.77 30.80
CA HIS B 50 -3.87 16.23 30.74
C HIS B 50 -4.49 16.67 29.41
N VAL B 51 -5.22 17.78 29.45
CA VAL B 51 -5.92 18.21 28.22
C VAL B 51 -4.92 18.53 27.12
N GLU B 52 -3.76 19.08 27.49
CA GLU B 52 -2.74 19.31 26.48
C GLU B 52 -2.25 17.99 25.89
N GLY B 53 -2.22 16.91 26.69
CA GLY B 53 -1.87 15.63 26.12
C GLY B 53 -2.88 15.15 25.09
N ALA B 54 -4.17 15.38 25.36
CA ALA B 54 -5.19 15.02 24.38
C ALA B 54 -5.02 15.80 23.07
N SER B 55 -4.68 17.09 23.14
CA SER B 55 -4.51 17.84 21.88
C SER B 55 -3.28 17.36 21.10
N HIS B 56 -2.18 16.99 21.78
CA HIS B 56 -1.01 16.47 21.07
C HIS B 56 -1.22 15.05 20.56
N ALA B 58 -4.13 14.09 19.49
CA ALA B 58 -4.91 14.39 18.29
C ALA B 58 -4.01 14.81 17.14
N ASP B 59 -3.00 15.62 17.45
CA ASP B 59 -2.05 16.09 16.45
C ASP B 59 -1.27 14.90 15.84
N GLY B 60 -0.73 14.03 16.70
CA GLY B 60 0.00 12.87 16.21
C GLY B 60 -0.88 11.91 15.43
N TYR B 61 -2.12 11.74 15.88
CA TYR B 61 -3.09 10.93 15.14
C TYR B 61 -3.35 11.48 13.74
N THR B 62 -3.48 12.81 13.60
CA THR B 62 -3.64 13.40 12.27
C THR B 62 -2.40 13.14 11.41
N ARG B 63 -1.21 13.34 11.99
CA ARG B 63 0.00 13.31 11.19
C ARG B 63 0.34 11.90 10.72
N ALA B 64 -0.17 10.89 11.41
CA ALA B 64 0.22 9.52 11.16
C ALA B 64 -0.28 9.03 9.81
N LYS B 65 -1.36 9.60 9.28
CA LYS B 65 -2.01 9.02 8.10
C LYS B 65 -2.83 10.09 7.37
N PHE B 66 -2.63 10.18 6.06
CA PHE B 66 -3.39 11.14 5.25
C PHE B 66 -4.88 10.88 5.39
N GLY B 67 -5.65 11.95 5.62
CA GLY B 67 -7.08 11.84 5.82
C GLY B 67 -7.52 11.73 7.26
N ASN B 68 -6.63 11.32 8.17
CA ASN B 68 -6.95 11.37 9.59
C ASN B 68 -7.14 12.79 10.05
N ILE B 69 -8.08 12.97 10.98
CA ILE B 69 -8.22 14.20 11.73
C ILE B 69 -8.43 13.82 13.20
N GLY B 70 -7.41 14.06 14.02
CA GLY B 70 -7.54 13.80 15.44
C GLY B 70 -8.57 14.72 16.09
N VAL B 71 -9.34 14.16 17.01
CA VAL B 71 -10.37 14.87 17.75
C VAL B 71 -9.93 14.97 19.21
N CYS B 72 -10.07 16.16 19.79
CA CYS B 72 -9.65 16.43 21.17
C CYS B 72 -10.83 17.04 21.92
N ILE B 73 -11.18 16.46 23.06
CA ILE B 73 -12.39 16.82 23.79
C ILE B 73 -12.02 17.26 25.20
N GLY B 74 -12.67 18.33 25.66
CA GLY B 74 -12.47 18.81 27.01
C GLY B 74 -13.69 19.54 27.50
N THR B 75 -13.68 19.88 28.79
CA THR B 75 -14.82 20.49 29.46
C THR B 75 -14.73 22.02 29.38
N SER B 76 -15.60 22.71 30.11
CA SER B 76 -15.63 24.16 30.11
C SER B 76 -14.42 24.76 30.80
N GLY B 77 -14.11 26.00 30.45
CA GLY B 77 -13.17 26.81 31.18
C GLY B 77 -11.70 26.48 30.93
N PRO B 78 -10.98 26.10 31.99
CA PRO B 78 -9.53 25.84 31.85
C PRO B 78 -9.20 24.73 30.85
N ALA B 79 -10.10 23.78 30.59
CA ALA B 79 -9.79 22.78 29.58
C ALA B 79 -9.50 23.44 28.23
N GLY B 80 -10.28 24.47 27.87
CA GLY B 80 -10.08 25.07 26.56
C GLY B 80 -8.76 25.81 26.46
N THR B 81 -8.36 26.51 27.52
CA THR B 81 -7.07 27.19 27.49
C THR B 81 -5.91 26.21 27.51
N ASP B 82 -6.13 25.01 28.06
CA ASP B 82 -5.13 23.93 27.99
C ASP B 82 -4.89 23.45 26.57
N ILE B 84 -4.60 25.46 23.82
CA ILE B 84 -4.08 26.50 22.92
C ILE B 84 -2.72 26.08 22.37
N THR B 85 -1.85 25.52 23.21
CA THR B 85 -0.52 25.12 22.75
C THR B 85 -0.61 24.00 21.71
N GLY B 86 -1.57 23.10 21.85
CA GLY B 86 -1.69 22.03 20.87
C GLY B 86 -2.28 22.52 19.55
N LEU B 87 -3.22 23.46 19.62
CA LEU B 87 -3.72 24.09 18.41
C LEU B 87 -2.63 24.85 17.68
N TYR B 88 -1.77 25.53 18.44
CA TYR B 88 -0.67 26.30 17.85
C TYR B 88 0.34 25.38 17.17
N ALA B 89 0.76 24.31 17.86
CA ALA B 89 1.72 23.40 17.24
C ALA B 89 1.14 22.82 15.95
N ALA B 90 -0.16 22.54 15.94
CA ALA B 90 -0.78 21.95 14.77
C ALA B 90 -0.90 22.98 13.63
N ILE B 91 -1.39 24.18 13.92
CA ILE B 91 -1.59 25.15 12.84
C ILE B 91 -0.24 25.56 12.25
N ALA B 92 0.81 25.61 13.09
CA ALA B 92 2.10 26.07 12.59
C ALA B 92 2.66 25.13 11.54
N ASP B 93 2.30 23.85 11.62
CA ASP B 93 2.72 22.85 10.66
C ASP B 93 1.60 22.52 9.65
N SER B 94 0.55 23.35 9.58
CA SER B 94 -0.60 23.10 8.71
C SER B 94 -1.20 21.73 8.95
N VAL B 95 -1.40 21.40 10.22
CA VAL B 95 -1.97 20.12 10.64
C VAL B 95 -3.37 20.36 11.20
N PRO B 96 -4.40 19.70 10.67
CA PRO B 96 -5.75 19.83 11.24
C PRO B 96 -5.97 18.93 12.44
N ILE B 97 -6.53 19.50 13.50
CA ILE B 97 -7.14 18.71 14.57
C ILE B 97 -8.44 19.40 14.93
N LEU B 98 -9.42 18.62 15.35
CA LEU B 98 -10.69 19.17 15.81
C LEU B 98 -10.73 19.19 17.34
N CYS B 99 -10.78 20.38 17.91
CA CYS B 99 -10.98 20.49 19.36
C CYS B 99 -12.43 20.82 19.64
N ILE B 100 -12.99 20.15 20.63
CA ILE B 100 -14.35 20.39 21.11
C ILE B 100 -14.29 20.66 22.60
N THR B 101 -14.85 21.78 23.04
CA THR B 101 -14.97 22.09 24.45
C THR B 101 -16.43 22.26 24.83
N GLY B 102 -16.77 21.82 26.03
CA GLY B 102 -18.02 22.21 26.65
C GLY B 102 -17.93 23.63 27.16
N GLN B 103 -19.07 24.17 27.55
CA GLN B 103 -19.18 25.59 27.86
C GLN B 103 -20.36 25.78 28.80
N ALA B 104 -20.37 26.92 29.49
CA ALA B 104 -21.48 27.30 30.35
C ALA B 104 -22.74 27.53 29.51
N PRO B 105 -23.91 27.36 30.12
CA PRO B 105 -25.17 27.59 29.40
C PRO B 105 -25.35 29.02 28.93
N ARG B 106 -26.11 29.17 27.82
CA ARG B 106 -26.15 30.40 27.03
C ARG B 106 -26.47 31.66 27.83
N ALA B 107 -27.45 31.58 28.74
CA ALA B 107 -27.79 32.76 29.52
C ALA B 107 -26.63 33.19 30.41
N ARG B 108 -25.79 32.24 30.80
CA ARG B 108 -24.60 32.48 31.61
C ARG B 108 -23.38 32.82 30.78
N LEU B 109 -23.53 32.99 29.46
CA LEU B 109 -22.37 33.15 28.59
C LEU B 109 -21.66 34.48 28.81
N TYR B 110 -22.40 35.58 28.92
CA TYR B 110 -21.75 36.88 28.97
C TYR B 110 -21.29 37.28 30.37
N LYS B 111 -21.68 36.53 31.41
CA LYS B 111 -21.13 36.71 32.74
C LYS B 111 -19.93 35.79 32.95
N GLU B 112 -19.08 36.17 33.91
CA GLU B 112 -17.93 35.33 34.27
C GLU B 112 -18.41 34.26 35.22
N ASP B 113 -18.87 33.15 34.65
CA ASP B 113 -19.48 32.05 35.37
C ASP B 113 -18.42 31.13 35.98
N PHE B 114 -18.90 30.20 36.82
CA PHE B 114 -18.09 29.08 37.26
C PHE B 114 -17.61 28.31 36.04
N GLN B 115 -16.32 28.44 35.72
CA GLN B 115 -15.68 27.78 34.58
C GLN B 115 -16.39 28.15 33.26
N ALA B 116 -16.30 29.43 32.93
CA ALA B 116 -16.75 29.96 31.65
C ALA B 116 -15.68 30.91 31.13
N VAL B 117 -15.24 30.70 29.88
CA VAL B 117 -14.13 31.47 29.34
C VAL B 117 -14.45 31.84 27.89
N ASP B 118 -13.89 32.97 27.46
CA ASP B 118 -14.06 33.45 26.09
C ASP B 118 -13.06 32.73 25.19
N ILE B 119 -13.28 31.42 25.06
CA ILE B 119 -12.33 30.59 24.34
C ILE B 119 -12.28 30.97 22.87
N GLU B 120 -13.37 31.57 22.36
CA GLU B 120 -13.42 32.02 20.98
C GLU B 120 -12.29 33.00 20.68
N SER B 121 -12.14 34.04 21.51
CA SER B 121 -11.11 35.05 21.25
C SER B 121 -9.71 34.50 21.51
N ILE B 122 -9.53 33.66 22.53
CA ILE B 122 -8.19 33.15 22.83
C ILE B 122 -7.68 32.26 21.72
N ALA B 123 -8.54 31.39 21.19
CA ALA B 123 -8.14 30.41 20.20
C ALA B 123 -8.19 30.92 18.76
N LYS B 124 -8.81 32.08 18.51
CA LYS B 124 -8.87 32.59 17.13
C LYS B 124 -7.49 32.73 16.49
N PRO B 125 -6.46 33.26 17.17
CA PRO B 125 -5.12 33.34 16.53
C PRO B 125 -4.48 31.97 16.23
N VAL B 126 -4.95 30.87 16.80
CA VAL B 126 -4.28 29.59 16.55
C VAL B 126 -5.21 28.57 15.89
N THR B 127 -6.31 29.02 15.29
CA THR B 127 -7.24 28.13 14.60
C THR B 127 -7.63 28.76 13.27
N LYS B 128 -8.10 27.94 12.33
CA LYS B 128 -8.74 28.48 11.13
C LYS B 128 -10.16 28.97 11.45
N ALA B 130 -12.88 29.25 15.13
CA ALA B 130 -13.16 28.97 16.53
C ALA B 130 -14.48 29.63 16.86
N VAL B 131 -15.49 28.85 17.21
CA VAL B 131 -16.85 29.36 17.34
C VAL B 131 -17.52 28.74 18.56
N THR B 132 -18.23 29.59 19.31
CA THR B 132 -19.18 29.13 20.31
C THR B 132 -20.54 29.02 19.64
N VAL B 133 -21.13 27.84 19.68
CA VAL B 133 -22.40 27.60 18.97
C VAL B 133 -23.54 27.94 19.92
N ARG B 134 -24.27 29.01 19.59
CA ARG B 134 -25.36 29.45 20.43
C ARG B 134 -26.74 28.99 19.95
N GLU B 135 -26.87 28.50 18.72
CA GLU B 135 -28.14 27.96 18.26
C GLU B 135 -28.05 26.45 18.13
N PRO B 136 -28.83 25.68 18.90
CA PRO B 136 -28.72 24.22 18.84
C PRO B 136 -28.94 23.63 17.46
N ALA B 137 -29.84 24.22 16.65
CA ALA B 137 -30.11 23.66 15.35
C ALA B 137 -28.90 23.74 14.43
N LEU B 138 -27.98 24.67 14.71
CA LEU B 138 -26.80 24.87 13.90
C LEU B 138 -25.64 23.91 14.22
N VAL B 139 -25.71 23.14 15.31
CA VAL B 139 -24.55 22.34 15.72
C VAL B 139 -24.08 21.39 14.61
N PRO B 140 -24.94 20.56 14.01
CA PRO B 140 -24.41 19.70 12.93
C PRO B 140 -23.77 20.48 11.80
N TYR B 141 -24.32 21.66 11.46
CA TYR B 141 -23.78 22.41 10.34
C TYR B 141 -22.45 23.07 10.71
N VAL B 142 -22.26 23.45 11.98
CA VAL B 142 -20.93 23.92 12.39
C VAL B 142 -19.90 22.80 12.25
N PHE B 143 -20.28 21.56 12.62
CA PHE B 143 -19.31 20.47 12.48
C PHE B 143 -19.01 20.17 11.01
N GLN B 144 -20.04 20.22 10.16
CA GLN B 144 -19.82 20.00 8.74
C GLN B 144 -18.89 21.06 8.15
N GLN B 145 -19.11 22.32 8.51
CA GLN B 145 -18.22 23.38 8.04
C GLN B 145 -16.81 23.18 8.61
N ALA B 146 -16.72 22.75 9.88
CA ALA B 146 -15.42 22.51 10.50
C ALA B 146 -14.59 21.55 9.67
N PHE B 147 -15.20 20.46 9.19
CA PHE B 147 -14.45 19.51 8.41
C PHE B 147 -14.04 20.08 7.07
N HIS B 148 -14.91 20.88 6.44
CA HIS B 148 -14.52 21.55 5.21
C HIS B 148 -13.34 22.49 5.44
N VAL B 149 -13.40 23.27 6.52
CA VAL B 149 -12.35 24.26 6.73
C VAL B 149 -11.03 23.58 7.07
N ARG B 151 -9.86 20.68 6.09
CA ARG B 151 -9.31 20.02 4.92
C ARG B 151 -8.95 20.98 3.80
N SER B 152 -9.65 22.12 3.68
CA SER B 152 -9.50 23.00 2.52
C SER B 152 -8.33 23.97 2.67
N GLY B 153 -7.90 24.50 1.53
CA GLY B 153 -6.88 25.53 1.51
C GLY B 153 -5.60 25.03 2.15
N ARG B 154 -4.99 25.88 2.97
CA ARG B 154 -3.94 25.40 3.87
C ARG B 154 -4.60 24.70 5.04
N PRO B 155 -4.36 23.40 5.25
CA PRO B 155 -5.03 22.67 6.34
C PRO B 155 -4.60 23.20 7.70
N GLY B 156 -5.53 23.11 8.65
CA GLY B 156 -5.33 23.64 9.97
C GLY B 156 -6.50 23.34 10.90
N PRO B 157 -6.30 23.58 12.19
CA PRO B 157 -7.25 23.11 13.20
C PRO B 157 -8.44 24.03 13.39
N VAL B 158 -9.45 23.49 14.08
CA VAL B 158 -10.69 24.20 14.36
C VAL B 158 -11.09 23.90 15.79
N LEU B 159 -11.71 24.87 16.46
CA LEU B 159 -12.25 24.66 17.80
C LEU B 159 -13.74 24.94 17.79
N ILE B 160 -14.51 24.04 18.39
CA ILE B 160 -15.95 24.21 18.52
C ILE B 160 -16.30 24.20 19.99
N ASP B 161 -16.90 25.29 20.45
CA ASP B 161 -17.27 25.47 21.84
C ASP B 161 -18.77 25.28 21.98
N LEU B 162 -19.18 24.42 22.90
CA LEU B 162 -20.57 23.97 22.96
C LEU B 162 -21.18 24.23 24.34
N PRO B 163 -22.08 25.20 24.45
CA PRO B 163 -22.74 25.44 25.74
C PRO B 163 -23.52 24.21 26.18
N PHE B 164 -23.53 23.99 27.50
CA PHE B 164 -24.17 22.80 28.04
C PHE B 164 -25.64 22.71 27.62
N ASP B 165 -26.37 23.82 27.70
CA ASP B 165 -27.78 23.80 27.32
C ASP B 165 -27.97 23.60 25.82
N VAL B 166 -27.03 24.08 25.00
CA VAL B 166 -27.12 23.87 23.57
C VAL B 166 -26.99 22.38 23.25
N GLN B 167 -26.07 21.69 23.95
CA GLN B 167 -25.79 20.28 23.62
C GLN B 167 -27.02 19.40 23.82
N THR B 169 -30.33 20.35 23.83
CA THR B 169 -31.57 20.72 23.16
C THR B 169 -31.87 19.71 22.05
N GLU B 170 -33.12 19.28 21.97
CA GLU B 170 -33.53 18.42 20.87
C GLU B 170 -33.59 19.23 19.57
N ILE B 171 -33.17 18.62 18.47
CA ILE B 171 -33.21 19.23 17.15
C ILE B 171 -33.61 18.16 16.14
N GLU B 172 -34.10 18.61 15.00
CA GLU B 172 -34.22 17.74 13.84
C GLU B 172 -32.87 17.62 13.15
N PHE B 173 -32.59 16.44 12.63
CA PHE B 173 -31.39 16.20 11.84
C PHE B 173 -31.55 14.83 11.23
N ASP B 174 -31.00 14.66 10.02
CA ASP B 174 -31.22 13.48 9.20
C ASP B 174 -29.89 12.91 8.73
N PRO B 175 -29.30 11.98 9.48
CA PRO B 175 -27.99 11.42 9.10
C PRO B 175 -28.00 10.76 7.73
N GLU B 176 -29.13 10.19 7.33
CA GLU B 176 -29.20 9.43 6.08
C GLU B 176 -28.99 10.30 4.83
N THR B 177 -29.30 11.59 4.88
CA THR B 177 -29.00 12.45 3.73
C THR B 177 -27.85 13.39 3.97
N TYR B 178 -27.17 13.32 5.11
CA TYR B 178 -26.00 14.15 5.33
C TYR B 178 -24.95 13.84 4.28
N ALA B 179 -24.23 14.86 3.82
CA ALA B 179 -23.07 14.66 2.97
C ALA B 179 -21.99 15.66 3.36
N PRO B 180 -20.70 15.29 3.24
CA PRO B 180 -19.64 16.27 3.45
C PRO B 180 -19.66 17.36 2.38
N LEU B 181 -19.19 18.55 2.79
CA LEU B 181 -19.03 19.66 1.86
C LEU B 181 -17.87 19.38 0.90
N PRO B 182 -17.90 19.94 -0.30
CA PRO B 182 -16.76 19.80 -1.20
C PRO B 182 -15.51 20.45 -0.61
N ILE B 183 -14.36 19.87 -0.90
CA ILE B 183 -13.07 20.40 -0.44
C ILE B 183 -12.54 21.38 -1.48
N TYR B 184 -12.06 22.54 -1.01
CA TYR B 184 -11.45 23.54 -1.88
C TYR B 184 -9.92 23.44 -1.86
N LYS B 185 -9.31 23.46 -3.04
CA LYS B 185 -7.86 23.64 -3.17
C LYS B 185 -7.59 24.53 -4.37
N PRO B 186 -6.59 25.41 -4.29
CA PRO B 186 -6.07 26.06 -5.51
C PRO B 186 -5.43 25.03 -6.42
N LEU B 187 -5.57 25.24 -7.73
CA LEU B 187 -5.11 24.26 -8.71
C LEU B 187 -4.18 24.93 -9.71
N ALA B 188 -3.01 24.33 -9.94
CA ALA B 188 -2.11 24.80 -10.98
C ALA B 188 -2.74 24.60 -12.36
N THR B 189 -2.43 25.50 -13.28
CA THR B 189 -2.85 25.37 -14.68
C THR B 189 -1.73 24.76 -15.52
N ARG B 190 -2.13 24.23 -16.68
CA ARG B 190 -1.13 23.70 -17.61
C ARG B 190 -0.16 24.78 -18.05
N ALA B 191 -0.65 26.00 -18.34
CA ALA B 191 0.27 27.06 -18.76
C ALA B 191 1.27 27.40 -17.67
N GLN B 192 0.86 27.34 -16.40
CA GLN B 192 1.83 27.59 -15.34
C GLN B 192 2.85 26.47 -15.25
N VAL B 193 2.42 25.22 -15.38
CA VAL B 193 3.37 24.11 -15.30
C VAL B 193 4.30 24.11 -16.50
N GLU B 194 3.76 24.45 -17.68
CA GLU B 194 4.61 24.50 -18.87
C GLU B 194 5.67 25.57 -18.74
N LYS B 195 5.34 26.69 -18.09
CA LYS B 195 6.35 27.74 -17.92
C LYS B 195 7.43 27.30 -16.94
N ALA B 196 7.03 26.65 -15.84
CA ALA B 196 8.02 26.16 -14.90
C ALA B 196 8.91 25.11 -15.55
N THR B 198 9.81 25.04 -18.66
CA THR B 198 10.74 25.73 -19.56
C THR B 198 11.94 26.27 -18.79
N LEU B 200 12.96 24.95 -15.88
CA LEU B 200 13.66 23.76 -15.42
C LEU B 200 14.54 23.19 -16.52
N ASN B 201 13.97 23.01 -17.72
CA ASN B 201 14.73 22.45 -18.83
C ASN B 201 15.80 23.40 -19.35
N ALA B 202 15.71 24.69 -19.06
CA ALA B 202 16.77 25.62 -19.40
C ALA B 202 17.99 25.49 -18.48
N SER B 203 17.83 24.92 -17.30
CA SER B 203 18.87 24.91 -16.27
C SER B 203 19.86 23.77 -16.50
N GLU B 204 21.08 23.96 -15.97
CA GLU B 204 22.12 22.94 -16.04
C GLU B 204 22.22 22.05 -14.80
N ARG B 205 21.90 22.57 -13.62
CA ARG B 205 22.00 21.83 -12.37
C ARG B 205 20.73 22.01 -11.55
N PRO B 206 19.60 21.50 -12.05
CA PRO B 206 18.34 21.61 -11.30
C PRO B 206 18.33 20.80 -10.02
N LEU B 207 17.59 21.30 -9.03
CA LEU B 207 17.26 20.54 -7.83
C LEU B 207 15.80 20.75 -7.45
N LEU B 208 15.19 19.68 -6.93
CA LEU B 208 13.86 19.73 -6.35
C LEU B 208 13.95 19.79 -4.82
N VAL B 209 13.30 20.78 -4.22
CA VAL B 209 13.13 20.81 -2.77
C VAL B 209 11.74 20.30 -2.43
N SER B 210 11.66 19.27 -1.57
CA SER B 210 10.40 18.64 -1.25
C SER B 210 10.08 18.90 0.22
N GLY B 211 9.10 19.76 0.46
CA GLY B 211 8.75 20.16 1.81
C GLY B 211 7.53 19.45 2.36
N GLY B 212 7.05 19.95 3.51
CA GLY B 212 5.95 19.31 4.20
C GLY B 212 4.66 19.28 3.41
N GLY B 213 4.47 20.27 2.51
CA GLY B 213 3.26 20.28 1.70
C GLY B 213 3.15 19.11 0.74
N VAL B 214 4.27 18.56 0.27
CA VAL B 214 4.21 17.34 -0.53
C VAL B 214 3.61 16.20 0.26
N ILE B 215 4.07 16.05 1.52
CA ILE B 215 3.52 15.00 2.36
C ILE B 215 2.10 15.35 2.79
N GLY B 216 1.86 16.62 3.10
CA GLY B 216 0.53 17.02 3.52
C GLY B 216 -0.52 16.78 2.47
N ALA B 217 -0.14 16.89 1.19
CA ALA B 217 -1.07 16.69 0.09
C ALA B 217 -1.12 15.24 -0.39
N ASP B 218 -0.39 14.34 0.28
CA ASP B 218 -0.27 12.93 -0.11
C ASP B 218 0.32 12.78 -1.52
N ALA B 219 1.39 13.54 -1.78
CA ALA B 219 1.95 13.65 -3.13
C ALA B 219 3.37 13.12 -3.24
N SER B 220 3.87 12.37 -2.25
CA SER B 220 5.25 11.93 -2.30
C SER B 220 5.50 10.98 -3.47
N ASP B 221 4.53 10.11 -3.77
CA ASP B 221 4.68 9.22 -4.92
C ASP B 221 4.86 10.01 -6.20
N LEU B 222 3.98 11.00 -6.43
CA LEU B 222 4.09 11.86 -7.60
C LEU B 222 5.37 12.68 -7.60
N LEU B 223 5.85 13.07 -6.41
CA LEU B 223 7.12 13.78 -6.35
C LEU B 223 8.27 12.88 -6.83
N VAL B 224 8.28 11.61 -6.40
CA VAL B 224 9.35 10.70 -6.85
C VAL B 224 9.15 10.35 -8.33
N GLN B 225 7.91 10.14 -8.76
CA GLN B 225 7.65 9.94 -10.19
C GLN B 225 8.22 11.10 -11.01
N PHE B 226 7.96 12.33 -10.57
CA PHE B 226 8.44 13.47 -11.33
C PHE B 226 9.96 13.55 -11.30
N ALA B 227 10.56 13.26 -10.15
CA ALA B 227 12.02 13.29 -10.07
C ALA B 227 12.64 12.25 -10.99
N GLU B 228 12.06 11.06 -11.04
CA GLU B 228 12.63 9.99 -11.86
C GLU B 228 12.37 10.25 -13.34
N LEU B 229 11.20 10.79 -13.66
CA LEU B 229 10.86 11.09 -15.05
C LEU B 229 11.79 12.15 -15.62
N THR B 230 12.19 13.13 -14.79
CA THR B 230 13.05 14.20 -15.22
C THR B 230 14.52 13.96 -14.89
N GLY B 231 14.82 12.98 -14.04
CA GLY B 231 16.17 12.78 -13.58
C GLY B 231 16.69 13.83 -12.63
N VAL B 232 15.82 14.68 -12.09
CA VAL B 232 16.26 15.79 -11.23
C VAL B 232 16.42 15.27 -9.80
N PRO B 233 17.56 15.53 -9.16
CA PRO B 233 17.72 15.15 -7.74
C PRO B 233 16.85 15.96 -6.79
N VAL B 234 16.51 15.34 -5.66
CA VAL B 234 15.61 15.89 -4.66
C VAL B 234 16.36 16.16 -3.35
N ILE B 235 16.07 17.30 -2.74
CA ILE B 235 16.55 17.65 -1.41
C ILE B 235 15.35 17.93 -0.52
N PRO B 236 14.94 16.98 0.33
CA PRO B 236 13.84 17.26 1.27
C PRO B 236 14.21 18.30 2.31
N THR B 237 13.20 19.07 2.73
CA THR B 237 13.30 19.81 3.98
C THR B 237 13.09 18.84 5.14
N LEU B 238 13.25 19.36 6.36
CA LEU B 238 12.96 18.59 7.55
C LEU B 238 11.51 18.13 7.61
N GLY B 240 9.73 17.75 4.94
CA GLY B 240 9.57 16.90 3.78
C GLY B 240 10.26 15.56 3.89
N TRP B 241 10.92 15.30 5.02
CA TRP B 241 11.78 14.13 5.17
C TRP B 241 10.98 12.84 4.99
N GLY B 242 11.49 11.96 4.16
CA GLY B 242 10.80 10.74 3.81
C GLY B 242 9.83 10.82 2.64
N SER B 243 9.63 12.01 2.05
CA SER B 243 8.81 12.07 0.83
C SER B 243 9.47 11.35 -0.33
N ILE B 244 10.81 11.23 -0.32
CA ILE B 244 11.54 10.30 -1.16
C ILE B 244 12.40 9.47 -0.21
N PRO B 245 12.62 8.17 -0.45
CA PRO B 245 13.43 7.40 0.52
C PRO B 245 14.87 7.89 0.57
N ASP B 246 15.45 7.83 1.77
CA ASP B 246 16.83 8.27 1.95
C ASP B 246 17.84 7.47 1.12
N ASP B 247 17.53 6.23 0.76
CA ASP B 247 18.44 5.47 -0.09
C ASP B 247 18.04 5.48 -1.57
N HIS B 248 17.07 6.31 -1.94
CA HIS B 248 16.78 6.49 -3.36
C HIS B 248 17.95 7.18 -4.05
N PRO B 249 18.32 6.75 -5.26
CA PRO B 249 19.48 7.38 -5.92
C PRO B 249 19.30 8.87 -6.16
N LEU B 250 18.07 9.34 -6.32
CA LEU B 250 17.83 10.77 -6.53
C LEU B 250 17.72 11.56 -5.23
N VAL B 252 19.45 13.28 -2.53
CA VAL B 252 20.83 13.75 -2.45
C VAL B 252 21.05 14.71 -1.27
N GLY B 253 20.26 14.55 -0.22
CA GLY B 253 20.58 15.19 1.03
C GLY B 253 19.45 16.02 1.57
N VAL B 255 18.28 19.80 3.57
CA VAL B 255 18.59 21.20 3.85
C VAL B 255 18.92 21.32 5.34
N GLY B 256 20.22 21.33 5.67
CA GLY B 256 20.62 21.25 7.06
C GLY B 256 20.17 22.44 7.89
N LEU B 257 20.11 23.62 7.27
CA LEU B 257 19.49 24.82 7.84
C LEU B 257 19.25 25.78 6.68
N GLN B 258 18.76 26.98 6.99
CA GLN B 258 18.51 27.99 5.98
C GLN B 258 19.27 29.27 6.35
N THR B 259 20.23 29.65 5.50
CA THR B 259 20.97 30.91 5.58
C THR B 259 21.78 31.06 6.87
N SER B 260 22.22 29.95 7.47
CA SER B 260 23.04 29.99 8.68
C SER B 260 24.50 29.86 8.27
N GLN B 261 25.22 30.99 8.24
CA GLN B 261 26.65 31.11 7.90
C GLN B 261 27.08 30.19 6.76
N ARG B 262 28.31 29.68 6.81
CA ARG B 262 28.87 28.83 5.77
C ARG B 262 28.83 27.38 6.25
N TYR B 263 27.63 26.82 6.21
CA TYR B 263 27.28 25.49 6.68
C TYR B 263 27.09 24.49 5.55
N GLY B 264 27.42 24.86 4.33
CA GLY B 264 26.72 24.37 3.15
C GLY B 264 26.57 22.88 2.93
N ASN B 265 25.32 22.45 2.75
CA ASN B 265 25.06 21.21 2.05
C ASN B 265 25.49 21.40 0.61
N ALA B 266 26.41 20.54 0.15
CA ALA B 266 27.16 20.85 -1.06
C ALA B 266 26.26 20.97 -2.29
N ASN B 267 25.23 20.11 -2.37
CA ASN B 267 24.45 20.04 -3.60
C ASN B 267 23.69 21.33 -3.88
N LEU B 268 23.30 22.07 -2.84
CA LEU B 268 22.57 23.31 -3.07
C LEU B 268 23.45 24.35 -3.74
N LEU B 269 24.64 24.59 -3.19
CA LEU B 269 25.49 25.65 -3.73
C LEU B 269 25.95 25.34 -5.15
N ALA B 270 26.05 24.06 -5.50
CA ALA B 270 26.39 23.72 -6.88
C ALA B 270 25.26 24.07 -7.85
N SER B 271 24.01 24.05 -7.39
CA SER B 271 22.87 24.12 -8.30
C SER B 271 22.71 25.51 -8.90
N ASP B 272 22.21 25.56 -10.13
CA ASP B 272 21.79 26.80 -10.76
C ASP B 272 20.28 26.99 -10.73
N PHE B 273 19.53 26.04 -10.18
CA PHE B 273 18.07 26.08 -10.26
C PHE B 273 17.49 25.27 -9.10
N VAL B 274 16.46 25.82 -8.47
CA VAL B 274 15.82 25.19 -7.32
C VAL B 274 14.30 25.34 -7.46
N GLY B 276 11.06 24.53 -5.45
CA GLY B 276 10.47 24.10 -4.20
C GLY B 276 9.00 23.77 -4.36
N ILE B 277 8.60 22.63 -3.80
CA ILE B 277 7.21 22.19 -3.77
C ILE B 277 6.80 22.01 -2.32
N GLY B 278 5.83 22.80 -1.87
CA GLY B 278 5.27 22.60 -0.56
C GLY B 278 6.23 22.91 0.58
N ASN B 279 7.21 23.77 0.35
CA ASN B 279 8.30 23.99 1.29
C ASN B 279 8.25 25.41 1.85
N ARG B 280 8.67 25.54 3.10
CA ARG B 280 8.98 26.84 3.65
C ARG B 280 10.44 27.17 3.35
N TRP B 281 10.77 28.46 3.44
CA TRP B 281 12.16 28.90 3.43
C TRP B 281 12.45 29.44 4.83
N ALA B 282 13.20 28.67 5.62
CA ALA B 282 13.44 29.02 7.02
C ALA B 282 14.27 30.29 7.12
N ASN B 283 14.12 30.98 8.26
CA ASN B 283 14.39 32.41 8.32
C ASN B 283 15.87 32.73 8.05
N ARG B 284 16.07 33.94 7.53
CA ARG B 284 17.30 34.37 6.85
C ARG B 284 18.36 34.96 7.77
N HIS B 285 18.16 34.92 9.08
CA HIS B 285 18.85 35.82 10.02
C HIS B 285 18.50 37.27 9.70
N THR B 286 17.23 37.49 9.32
CA THR B 286 16.67 38.81 8.99
C THR B 286 17.36 39.46 7.80
N GLY B 287 17.61 38.68 6.74
CA GLY B 287 18.09 39.25 5.50
C GLY B 287 18.81 38.24 4.65
N GLY B 288 18.91 38.57 3.36
CA GLY B 288 19.51 37.68 2.39
C GLY B 288 20.96 37.31 2.65
N LEU B 289 21.25 36.01 2.73
CA LEU B 289 22.59 35.58 3.11
C LEU B 289 23.19 34.60 2.11
N ASP B 290 22.61 33.40 2.00
CA ASP B 290 23.28 32.30 1.30
C ASP B 290 22.48 31.77 0.12
N VAL B 291 21.33 31.12 0.35
CA VAL B 291 20.65 30.43 -0.74
C VAL B 291 20.23 31.41 -1.83
N TYR B 292 19.88 32.63 -1.46
CA TYR B 292 19.55 33.66 -2.43
C TYR B 292 20.77 33.97 -3.28
N THR B 293 20.58 34.03 -4.60
CA THR B 293 21.69 34.26 -5.51
C THR B 293 21.14 34.81 -6.82
N GLU B 294 21.88 35.75 -7.41
CA GLU B 294 21.53 36.29 -8.72
C GLU B 294 21.69 35.24 -9.81
N GLY B 295 22.62 34.30 -9.65
CA GLY B 295 22.88 33.25 -10.61
C GLY B 295 22.05 31.99 -10.44
N ARG B 296 21.17 31.94 -9.43
CA ARG B 296 20.36 30.77 -9.16
C ARG B 296 18.88 31.16 -9.25
N LYS B 297 18.16 30.57 -10.21
CA LYS B 297 16.73 30.80 -10.32
C LYS B 297 15.94 29.92 -9.36
N PHE B 298 14.78 30.41 -8.92
CA PHE B 298 13.95 29.72 -7.95
C PHE B 298 12.51 29.66 -8.44
N VAL B 299 11.91 28.47 -8.36
CA VAL B 299 10.50 28.28 -8.61
C VAL B 299 9.85 27.75 -7.33
N HIS B 300 8.70 28.32 -6.97
CA HIS B 300 8.03 27.96 -5.73
C HIS B 300 6.60 27.53 -6.04
N VAL B 301 6.28 26.28 -5.70
CA VAL B 301 4.93 25.73 -5.85
C VAL B 301 4.40 25.47 -4.45
N ASP B 302 3.32 26.16 -4.06
CA ASP B 302 2.79 26.01 -2.71
C ASP B 302 1.30 26.28 -2.69
N ILE B 303 0.64 25.73 -1.66
CA ILE B 303 -0.79 25.92 -1.48
C ILE B 303 -1.11 27.36 -1.13
N GLU B 304 -0.18 28.05 -0.47
CA GLU B 304 -0.30 29.48 -0.18
C GLU B 304 1.02 30.18 -0.48
N PRO B 305 1.31 30.46 -1.75
CA PRO B 305 2.30 31.50 -2.07
C PRO B 305 1.74 32.86 -1.72
N THR B 306 0.64 32.84 -0.97
CA THR B 306 0.02 33.98 -0.33
C THR B 306 0.67 34.34 1.00
N GLN B 307 1.64 33.56 1.48
CA GLN B 307 2.32 33.87 2.74
C GLN B 307 3.83 33.61 2.75
N ILE B 308 4.27 32.48 2.21
CA ILE B 308 5.68 32.10 2.22
C ILE B 308 6.33 32.66 0.95
N GLY B 309 7.22 33.64 1.12
CA GLY B 309 7.87 34.29 -0.01
C GLY B 309 9.09 35.02 0.47
N ARG B 310 9.80 34.38 1.40
CA ARG B 310 10.87 34.99 2.18
C ARG B 310 12.21 34.99 1.44
N VAL B 311 12.26 34.42 0.24
CA VAL B 311 13.43 34.54 -0.63
C VAL B 311 13.44 35.94 -1.21
N PHE B 312 12.53 36.79 -0.74
CA PHE B 312 12.32 38.15 -1.24
C PHE B 312 11.85 38.14 -2.69
N GLY B 313 11.11 37.09 -3.06
CA GLY B 313 10.55 36.98 -4.39
C GLY B 313 11.16 35.84 -5.18
N PRO B 314 10.42 34.75 -5.32
CA PRO B 314 10.83 33.67 -6.23
C PRO B 314 10.80 34.18 -7.66
N ASP B 315 11.66 33.57 -8.49
CA ASP B 315 11.64 33.90 -9.92
C ASP B 315 10.30 33.56 -10.57
N TYR B 316 9.63 32.49 -10.12
CA TYR B 316 8.30 32.15 -10.60
C TYR B 316 7.58 31.39 -9.49
N ALA B 317 6.28 31.64 -9.35
CA ALA B 317 5.51 31.04 -8.26
C ALA B 317 4.20 30.51 -8.79
N ILE B 318 3.76 29.39 -8.22
CA ILE B 318 2.51 28.72 -8.60
C ILE B 318 1.73 28.43 -7.34
N VAL B 319 0.47 28.87 -7.30
CA VAL B 319 -0.41 28.66 -6.16
C VAL B 319 -1.17 27.37 -6.39
N SER B 320 -0.81 26.31 -5.67
CA SER B 320 -1.46 25.05 -5.98
C SER B 320 -1.28 24.07 -4.84
N ASP B 321 -2.29 23.24 -4.62
CA ASP B 321 -2.10 22.02 -3.85
C ASP B 321 -0.99 21.21 -4.51
N ALA B 322 -0.13 20.60 -3.69
CA ALA B 322 1.06 19.94 -4.23
C ALA B 322 0.70 18.71 -5.06
N LYS B 323 -0.36 18.00 -4.70
CA LYS B 323 -0.75 16.83 -5.50
C LYS B 323 -1.31 17.26 -6.85
N ALA B 324 -2.20 18.26 -6.87
CA ALA B 324 -2.73 18.73 -8.15
C ALA B 324 -1.62 19.26 -9.03
N ALA B 325 -0.65 19.97 -8.44
CA ALA B 325 0.49 20.44 -9.22
C ALA B 325 1.29 19.28 -9.76
N LEU B 326 1.66 18.34 -8.89
CA LEU B 326 2.56 17.28 -9.29
C LEU B 326 1.91 16.37 -10.33
N GLN B 327 0.60 16.19 -10.27
CA GLN B 327 -0.08 15.42 -11.31
C GLN B 327 0.11 16.05 -12.67
N LEU B 328 0.13 17.39 -12.72
CA LEU B 328 0.34 18.12 -13.96
C LEU B 328 1.82 18.13 -14.36
N PHE B 329 2.71 18.30 -13.38
CA PHE B 329 4.14 18.24 -13.70
C PHE B 329 4.53 16.88 -14.26
N VAL B 330 3.92 15.80 -13.75
CA VAL B 330 4.22 14.49 -14.30
C VAL B 330 3.66 14.36 -15.70
N GLU B 331 2.43 14.83 -15.92
CA GLU B 331 1.83 14.73 -17.26
C GLU B 331 2.60 15.53 -18.28
N VAL B 332 3.01 16.75 -17.94
CA VAL B 332 3.78 17.56 -18.89
C VAL B 332 5.17 16.97 -19.09
N ALA B 333 5.79 16.47 -18.02
CA ALA B 333 7.16 15.96 -18.14
C ALA B 333 7.19 14.72 -19.05
N ARG B 334 6.15 13.90 -19.01
CA ARG B 334 6.05 12.80 -19.97
C ARG B 334 5.95 13.32 -21.40
N GLU B 335 5.20 14.39 -21.62
CA GLU B 335 5.09 14.93 -22.97
C GLU B 335 6.42 15.46 -23.47
N TRP B 336 7.21 16.10 -22.59
CA TRP B 336 8.54 16.53 -22.98
C TRP B 336 9.48 15.35 -23.14
N ARG B 337 9.22 14.25 -22.42
CA ARG B 337 10.04 13.06 -22.57
C ARG B 337 9.80 12.41 -23.91
N ALA B 338 8.53 12.26 -24.31
CA ALA B 338 8.23 11.60 -25.58
C ALA B 338 8.76 12.40 -26.76
N ALA B 339 8.82 13.72 -26.63
CA ALA B 339 9.27 14.59 -27.70
C ALA B 339 10.78 14.75 -27.72
N GLY B 340 11.48 14.16 -26.76
CA GLY B 340 12.92 14.30 -26.68
C GLY B 340 13.38 15.64 -26.20
N LYS B 341 12.49 16.44 -25.60
CA LYS B 341 12.84 17.80 -25.21
C LYS B 341 13.54 17.86 -23.85
N LEU B 342 13.39 16.86 -22.98
CA LEU B 342 14.02 16.91 -21.68
C LEU B 342 15.54 16.79 -21.79
N LYS B 343 16.26 17.60 -21.03
CA LYS B 343 17.70 17.46 -20.95
C LYS B 343 18.07 16.26 -20.10
N ASP B 344 19.20 15.63 -20.46
CA ASP B 344 19.71 14.52 -19.67
C ASP B 344 20.37 15.05 -18.40
N ARG B 345 20.00 14.46 -17.26
CA ARG B 345 20.54 14.87 -15.96
C ARG B 345 21.46 13.82 -15.34
N GLY B 346 21.83 12.77 -16.09
CA GLY B 346 22.56 11.68 -15.48
C GLY B 346 23.89 12.11 -14.90
N GLU B 347 24.57 13.06 -15.56
CA GLU B 347 25.87 13.49 -15.07
C GLU B 347 25.74 14.35 -13.82
N TRP B 348 24.84 15.35 -13.84
CA TRP B 348 24.68 16.19 -12.67
C TRP B 348 24.12 15.40 -11.49
N ALA B 349 23.25 14.42 -11.74
CA ALA B 349 22.73 13.61 -10.64
C ALA B 349 23.84 12.76 -10.01
N GLU B 350 24.73 12.20 -10.82
CA GLU B 350 25.82 11.42 -10.26
C GLU B 350 26.78 12.31 -9.46
N SER B 351 26.96 13.57 -9.86
CA SER B 351 27.77 14.47 -9.07
C SER B 351 27.13 14.73 -7.71
N CYS B 352 25.79 14.83 -7.68
CA CYS B 352 25.11 15.08 -6.42
C CYS B 352 25.28 13.90 -5.47
N ARG B 353 25.30 12.67 -6.00
CA ARG B 353 25.54 11.50 -5.17
C ARG B 353 26.94 11.52 -4.56
N GLU B 354 27.92 12.07 -5.28
CA GLU B 354 29.30 12.06 -4.77
C GLU B 354 29.46 13.00 -3.58
N ARG B 355 28.92 14.22 -3.67
CA ARG B 355 29.03 15.13 -2.53
C ARG B 355 28.27 14.59 -1.32
N LYS B 356 27.17 13.88 -1.56
CA LYS B 356 26.40 13.32 -0.46
C LYS B 356 27.17 12.21 0.25
N ARG B 357 27.85 11.36 -0.52
CA ARG B 357 28.62 10.27 0.07
C ARG B 357 29.89 10.77 0.75
N THR B 358 30.31 11.99 0.46
CA THR B 358 31.50 12.56 1.09
C THR B 358 31.18 13.41 2.32
N LEU B 360 30.19 13.15 5.24
CA LEU B 360 29.95 12.18 6.30
C LEU B 360 30.91 12.44 7.46
N ARG B 361 30.35 12.59 8.65
CA ARG B 361 31.15 12.70 9.87
C ARG B 361 31.10 11.37 10.63
N LYS B 362 32.27 10.92 11.08
CA LYS B 362 32.33 9.71 11.90
C LYS B 362 31.59 9.93 13.22
N THR B 363 30.84 8.92 13.65
CA THR B 363 30.11 9.01 14.91
C THR B 363 30.16 7.71 15.71
N HIS B 364 31.07 6.80 15.39
CA HIS B 364 31.26 5.63 16.24
C HIS B 364 32.18 6.05 17.38
N TYR B 365 31.59 6.71 18.36
CA TYR B 365 32.31 7.08 19.57
C TYR B 365 32.19 5.97 20.60
N ASP B 366 33.32 5.58 21.17
CA ASP B 366 33.37 4.61 22.26
C ASP B 366 33.33 5.27 23.63
N ASN B 367 33.14 6.59 23.68
CA ASN B 367 33.31 7.34 24.92
C ASN B 367 32.34 6.87 25.99
N VAL B 368 32.84 6.81 27.22
CA VAL B 368 32.03 6.72 28.43
C VAL B 368 32.36 7.96 29.25
N PRO B 369 31.39 8.84 29.56
CA PRO B 369 29.96 8.83 29.23
C PRO B 369 29.65 8.91 27.74
N ILE B 370 28.48 8.36 27.38
CA ILE B 370 28.06 8.23 25.99
C ILE B 370 27.89 9.60 25.35
N LYS B 371 28.37 9.73 24.10
CA LYS B 371 28.17 10.85 23.17
C LYS B 371 26.86 10.70 22.41
N PRO B 372 26.12 11.79 22.21
CA PRO B 372 24.81 11.68 21.55
C PRO B 372 24.88 11.03 20.18
N GLN B 373 25.97 11.26 19.45
CA GLN B 373 26.08 10.74 18.09
C GLN B 373 26.05 9.21 18.07
N ARG B 374 26.63 8.57 19.08
CA ARG B 374 26.59 7.11 19.14
C ARG B 374 25.16 6.60 19.27
N VAL B 375 24.30 7.36 19.96
CA VAL B 375 22.92 6.91 20.15
C VAL B 375 22.21 6.82 18.81
N TYR B 376 22.33 7.87 17.97
CA TYR B 376 21.62 7.86 16.69
C TYR B 376 22.17 6.77 15.78
N GLU B 377 23.47 6.52 15.83
CA GLU B 377 24.04 5.45 15.01
C GLU B 377 23.46 4.09 15.40
N GLU B 378 23.30 3.84 16.70
CA GLU B 378 22.70 2.58 17.13
C GLU B 378 21.21 2.52 16.81
N ASN B 380 19.80 3.72 14.08
CA ASN B 380 19.74 3.32 12.67
C ASN B 380 19.93 1.82 12.50
N LYS B 381 20.73 1.21 13.38
CA LYS B 381 20.97 -0.23 13.31
C LYS B 381 19.77 -1.01 13.86
N ALA B 382 19.14 -0.49 14.91
CA ALA B 382 18.18 -1.26 15.70
C ALA B 382 16.80 -1.36 15.05
N PHE B 383 16.36 -0.31 14.38
CA PHE B 383 14.99 -0.26 13.90
C PHE B 383 14.96 -0.39 12.39
N GLY B 384 13.84 -0.92 11.88
CA GLY B 384 13.72 -1.17 10.47
C GLY B 384 13.49 0.07 9.65
N ARG B 385 13.35 -0.12 8.34
CA ARG B 385 13.01 0.99 7.45
C ARG B 385 11.62 1.52 7.75
N ASP B 386 10.74 0.68 8.28
CA ASP B 386 9.36 1.08 8.50
C ASP B 386 9.14 1.72 9.86
N VAL B 387 10.20 1.91 10.65
CA VAL B 387 10.05 2.63 11.91
C VAL B 387 9.48 4.01 11.63
N THR B 388 8.62 4.50 12.53
CA THR B 388 8.10 5.86 12.53
C THR B 388 8.70 6.61 13.72
N TYR B 389 9.50 7.64 13.45
CA TYR B 389 10.12 8.45 14.50
C TYR B 389 9.23 9.61 14.92
N VAL B 390 9.23 9.92 16.21
CA VAL B 390 8.43 11.01 16.75
C VAL B 390 9.34 11.85 17.66
N THR B 391 9.42 13.16 17.39
CA THR B 391 10.32 13.99 18.18
C THR B 391 10.11 15.46 17.82
N THR B 392 10.59 16.34 18.70
CA THR B 392 10.67 17.77 18.41
C THR B 392 12.10 18.25 18.30
N ILE B 393 13.07 17.35 18.18
CA ILE B 393 14.47 17.73 18.07
C ILE B 393 14.66 18.40 16.71
N GLY B 394 14.74 19.73 16.73
CA GLY B 394 15.18 20.44 15.54
C GLY B 394 16.69 20.54 15.41
N LEU B 395 17.41 20.41 16.52
CA LEU B 395 18.87 20.47 16.51
C LEU B 395 19.41 19.03 16.60
N SER B 396 19.31 18.33 15.46
CA SER B 396 19.98 17.04 15.34
C SER B 396 21.49 17.19 15.44
N GLN B 397 22.02 18.26 14.87
CA GLN B 397 23.44 18.56 14.77
C GLN B 397 23.55 20.00 14.31
N ILE B 398 24.73 20.59 14.51
CA ILE B 398 24.92 21.99 14.14
C ILE B 398 24.94 22.15 12.62
N ALA B 399 25.73 21.30 11.94
CA ALA B 399 25.81 21.27 10.48
C ALA B 399 26.66 20.11 10.00
N GLY B 400 26.04 19.01 9.59
CA GLY B 400 26.78 17.89 9.03
C GLY B 400 27.22 16.88 10.08
N GLY B 401 26.82 15.64 9.89
CA GLY B 401 27.15 14.57 10.81
C GLY B 401 26.12 13.46 10.73
N GLN B 402 26.45 12.34 11.36
CA GLN B 402 25.54 11.20 11.33
C GLN B 402 24.29 11.50 12.14
N PHE B 403 23.15 11.11 11.59
CA PHE B 403 21.88 11.20 12.27
C PHE B 403 21.01 10.04 11.81
N LEU B 404 19.69 10.21 11.85
CA LEU B 404 18.77 9.14 11.54
C LEU B 404 18.48 9.09 10.04
N HIS B 405 17.67 8.11 9.63
CA HIS B 405 17.22 8.02 8.25
C HIS B 405 15.74 7.69 8.21
N VAL B 406 15.08 8.20 7.17
CA VAL B 406 13.65 8.06 6.96
C VAL B 406 13.45 7.55 5.54
N TYR B 407 12.52 6.60 5.37
CA TYR B 407 12.34 5.94 4.08
C TYR B 407 10.93 6.01 3.52
N LYS B 408 9.94 6.41 4.31
CA LYS B 408 8.55 6.46 3.89
C LYS B 408 7.91 7.77 4.35
N PRO B 409 6.93 8.28 3.59
CA PRO B 409 6.27 9.52 3.99
C PRO B 409 5.53 9.31 5.30
N ARG B 410 5.55 10.35 6.14
CA ARG B 410 4.94 10.34 7.47
C ARG B 410 5.63 9.36 8.42
N HIS B 411 6.86 8.95 8.14
CA HIS B 411 7.64 8.21 9.14
C HIS B 411 8.59 9.11 9.90
N TRP B 412 8.57 10.41 9.60
CA TRP B 412 9.23 11.45 10.39
C TRP B 412 8.13 12.38 10.89
N ILE B 413 7.81 12.26 12.17
CA ILE B 413 6.65 12.95 12.75
C ILE B 413 7.17 13.95 13.76
N ASN B 414 7.24 15.21 13.35
CA ASN B 414 8.02 16.20 14.08
C ASN B 414 7.29 17.54 14.03
N ALA B 415 7.06 18.13 15.20
CA ALA B 415 6.45 19.46 15.28
C ALA B 415 7.55 20.50 15.10
N GLY B 416 7.86 20.80 13.84
CA GLY B 416 9.06 21.57 13.55
C GLY B 416 8.94 23.03 13.96
N GLN B 417 7.83 23.68 13.58
CA GLN B 417 7.70 25.13 13.75
C GLN B 417 7.48 25.51 15.21
N ALA B 418 6.51 24.89 15.86
CA ALA B 418 6.29 25.14 17.27
C ALA B 418 7.13 24.15 18.06
N GLY B 419 6.68 22.90 18.08
CA GLY B 419 7.32 21.86 18.85
C GLY B 419 7.57 22.31 20.28
N PRO B 420 6.53 22.26 21.11
CA PRO B 420 6.74 22.49 22.54
C PRO B 420 7.44 21.29 23.19
N LEU B 421 8.12 21.57 24.30
CA LEU B 421 8.54 20.50 25.18
C LEU B 421 7.29 19.77 25.68
N GLY B 422 7.39 18.44 25.76
CA GLY B 422 6.25 17.61 26.14
C GLY B 422 5.37 17.18 24.99
N TRP B 423 5.58 17.69 23.77
CA TRP B 423 4.75 17.27 22.63
C TRP B 423 4.94 15.79 22.30
N THR B 424 6.17 15.29 22.48
CA THR B 424 6.59 14.03 21.88
C THR B 424 5.81 12.84 22.42
N VAL B 425 5.74 12.68 23.73
CA VAL B 425 5.07 11.53 24.33
C VAL B 425 3.59 11.43 23.95
N PRO B 426 2.75 12.46 24.19
CA PRO B 426 1.35 12.34 23.70
C PRO B 426 1.25 12.18 22.19
N ALA B 427 2.14 12.82 21.43
CA ALA B 427 2.10 12.67 19.97
C ALA B 427 2.38 11.24 19.56
N ALA B 428 3.39 10.61 20.18
CA ALA B 428 3.71 9.21 19.86
C ALA B 428 2.54 8.29 20.22
N LEU B 429 1.81 8.59 21.29
CA LEU B 429 0.61 7.83 21.63
C LEU B 429 -0.49 8.01 20.57
N GLY B 430 -0.65 9.24 20.05
CA GLY B 430 -1.59 9.43 18.98
C GLY B 430 -1.20 8.67 17.72
N VAL B 431 0.10 8.62 17.43
CA VAL B 431 0.52 7.82 16.27
C VAL B 431 0.19 6.34 16.49
N ALA B 432 0.43 5.84 17.72
CA ALA B 432 0.15 4.43 18.01
C ALA B 432 -1.34 4.14 17.90
N ALA B 433 -2.18 5.09 18.29
CA ALA B 433 -3.62 4.90 18.15
C ALA B 433 -4.03 4.86 16.68
N ALA B 434 -3.31 5.57 15.83
CA ALA B 434 -3.66 5.61 14.41
C ALA B 434 -3.11 4.42 13.65
N LYS B 435 -2.05 3.80 14.13
CA LYS B 435 -1.34 2.74 13.41
C LYS B 435 -1.08 1.57 14.35
N PRO B 436 -2.12 0.84 14.75
CA PRO B 436 -1.92 -0.29 15.66
C PRO B 436 -0.97 -1.31 15.05
N GLY B 437 -0.08 -1.84 15.88
CA GLY B 437 0.93 -2.77 15.44
C GLY B 437 2.17 -2.13 14.83
N ALA B 438 2.13 -0.85 14.46
CA ALA B 438 3.30 -0.22 13.85
C ALA B 438 4.42 -0.03 14.88
N GLU B 439 5.67 -0.02 14.40
CA GLU B 439 6.83 0.23 15.25
C GLU B 439 7.09 1.75 15.35
N ILE B 440 6.93 2.31 16.55
CA ILE B 440 7.00 3.75 16.78
C ILE B 440 8.12 4.03 17.78
N VAL B 441 9.01 4.95 17.44
CA VAL B 441 10.18 5.27 18.26
C VAL B 441 10.20 6.77 18.49
N ALA B 442 10.00 7.19 19.74
CA ALA B 442 10.13 8.60 20.12
C ALA B 442 11.56 8.89 20.58
N LEU B 443 11.93 10.17 20.49
CA LEU B 443 13.26 10.62 20.89
C LEU B 443 13.13 11.95 21.62
N SER B 444 13.65 12.02 22.84
CA SER B 444 13.54 13.22 23.65
C SER B 444 14.72 13.31 24.62
N GLY B 445 15.08 14.54 24.99
CA GLY B 445 15.86 14.76 26.20
C GLY B 445 14.94 14.79 27.42
N ASP B 446 15.57 14.85 28.62
CA ASP B 446 14.80 14.67 29.85
C ASP B 446 13.85 15.81 30.14
N TYR B 447 14.18 17.05 29.75
CA TYR B 447 13.25 18.17 29.99
C TYR B 447 11.98 18.02 29.15
N ASP B 448 12.13 17.75 27.86
CA ASP B 448 10.97 17.45 27.03
C ASP B 448 10.18 16.28 27.61
N PHE B 449 10.89 15.23 28.04
CA PHE B 449 10.23 14.04 28.54
C PHE B 449 9.40 14.33 29.80
N GLN B 450 9.87 15.23 30.66
CA GLN B 450 9.19 15.44 31.93
C GLN B 450 7.88 16.23 31.83
N PHE B 451 7.77 17.15 30.86
CA PHE B 451 6.60 18.05 30.76
C PHE B 451 5.28 17.28 30.79
N ILE B 453 5.05 13.81 31.25
CA ILE B 453 5.47 12.43 31.56
C ILE B 453 4.26 11.58 31.94
N GLU B 454 3.27 12.18 32.61
CA GLU B 454 2.15 11.40 33.11
C GLU B 454 1.34 10.75 31.98
N GLU B 455 1.48 11.23 30.74
CA GLU B 455 0.73 10.63 29.64
C GLU B 455 1.19 9.20 29.34
N LEU B 456 2.33 8.76 29.87
CA LEU B 456 2.73 7.37 29.69
C LEU B 456 1.67 6.43 30.25
N ALA B 457 0.97 6.85 31.29
CA ALA B 457 -0.11 6.03 31.83
C ALA B 457 -1.21 5.79 30.81
N VAL B 458 -1.44 6.72 29.88
CA VAL B 458 -2.44 6.50 28.83
C VAL B 458 -2.08 5.30 27.98
N GLY B 459 -0.79 5.13 27.67
CA GLY B 459 -0.36 3.99 26.90
C GLY B 459 -0.39 2.68 27.69
N ALA B 460 -0.29 2.76 29.02
CA ALA B 460 -0.49 1.55 29.80
C ALA B 460 -1.98 1.20 29.89
N GLN B 461 -2.85 2.21 30.03
CA GLN B 461 -4.28 1.93 30.15
C GLN B 461 -4.84 1.33 28.87
N PHE B 462 -4.43 1.85 27.71
CA PHE B 462 -5.05 1.51 26.45
C PHE B 462 -4.14 0.66 25.57
N ASN B 463 -3.02 0.22 26.13
CA ASN B 463 -2.07 -0.65 25.46
C ASN B 463 -1.69 -0.07 24.10
N LEU B 464 -0.89 1.00 24.18
CA LEU B 464 -0.48 1.80 23.03
C LEU B 464 1.05 1.78 23.04
N PRO B 465 1.64 0.66 22.63
CA PRO B 465 3.10 0.50 22.73
C PRO B 465 3.86 1.43 21.80
N PHE B 466 5.00 1.90 22.29
CA PHE B 466 6.00 2.57 21.47
C PHE B 466 7.26 2.64 22.33
N ILE B 467 8.40 2.83 21.67
CA ILE B 467 9.68 2.91 22.37
C ILE B 467 10.09 4.36 22.51
N GLN B 468 10.42 4.78 23.74
CA GLN B 468 10.91 6.14 24.01
C GLN B 468 12.41 6.10 24.22
N VAL B 469 13.16 6.67 23.29
CA VAL B 469 14.59 6.86 23.53
C VAL B 469 14.75 8.15 24.33
N LEU B 470 15.29 8.03 25.52
CA LEU B 470 15.35 9.15 26.46
C LEU B 470 16.81 9.45 26.69
N VAL B 471 17.30 10.56 26.15
CA VAL B 471 18.70 10.90 26.34
C VAL B 471 18.79 11.87 27.50
N ASN B 472 19.50 11.48 28.54
CA ASN B 472 19.50 12.20 29.81
C ASN B 472 20.89 12.77 30.02
N ASN B 473 21.05 14.09 29.83
CA ASN B 473 22.31 14.74 30.11
C ASN B 473 22.36 15.38 31.49
N SER B 474 21.31 15.25 32.29
CA SER B 474 21.30 15.76 33.66
C SER B 474 21.77 14.74 34.69
N TYR B 475 22.01 13.50 34.29
CA TYR B 475 22.21 12.43 35.27
C TYR B 475 23.57 12.53 35.96
N LEU B 476 24.63 12.79 35.19
CA LEU B 476 25.96 12.91 35.78
C LEU B 476 26.17 14.24 36.49
N GLY B 477 25.33 15.24 36.25
CA GLY B 477 25.67 16.62 36.57
C GLY B 477 26.00 16.83 38.03
N LEU B 478 27.23 17.26 38.32
CA LEU B 478 27.77 17.15 39.67
C LEU B 478 27.26 18.28 40.57
N ILE B 479 26.69 17.91 41.71
CA ILE B 479 26.26 18.88 42.71
C ILE B 479 27.51 19.25 43.49
N ARG B 480 28.26 20.23 42.97
CA ARG B 480 29.54 20.61 43.56
C ARG B 480 29.36 21.17 44.96
N GLN B 481 28.22 21.80 45.24
CA GLN B 481 27.86 22.32 46.57
C GLN B 481 28.92 23.24 47.15
N SER B 482 29.74 23.85 46.30
CA SER B 482 30.57 24.99 46.67
C SER B 482 29.95 26.22 46.01
N GLN B 483 29.76 27.27 46.79
CA GLN B 483 28.76 28.28 46.48
C GLN B 483 29.22 29.31 45.44
N ARG B 484 30.45 29.20 44.93
CA ARG B 484 30.99 30.15 43.96
C ARG B 484 30.08 30.36 42.75
N GLY B 485 30.13 29.44 41.78
CA GLY B 485 29.27 29.54 40.62
C GLY B 485 28.20 28.47 40.55
N PHE B 486 28.33 27.45 41.40
CA PHE B 486 27.40 26.33 41.38
C PHE B 486 26.00 26.75 41.81
N ASP B 487 25.89 27.62 42.82
CA ASP B 487 24.60 27.95 43.39
C ASP B 487 23.71 28.72 42.42
N ASP B 489 24.16 28.43 38.98
CA ASP B 489 23.93 27.48 37.90
C ASP B 489 22.92 26.43 38.30
N TYR B 490 22.80 26.17 39.59
CA TYR B 490 21.88 25.14 40.06
C TYR B 490 20.42 25.52 39.74
N GLN B 491 20.11 26.81 39.79
CA GLN B 491 18.74 27.29 39.59
C GLN B 491 18.26 27.16 38.14
N VAL B 492 19.14 26.94 37.17
CA VAL B 492 18.70 26.87 35.78
C VAL B 492 19.08 25.52 35.16
N GLN B 493 19.11 24.47 35.97
CA GLN B 493 19.40 23.14 35.44
C GLN B 493 18.60 22.12 36.24
N LEU B 494 18.67 20.84 35.80
CA LEU B 494 17.73 19.80 36.23
C LEU B 494 18.25 18.86 37.32
N SER B 495 19.56 18.83 37.54
CA SER B 495 20.13 17.88 38.49
C SER B 495 19.85 18.30 39.93
N PHE B 496 19.64 17.29 40.79
CA PHE B 496 19.60 17.48 42.23
C PHE B 496 19.90 16.12 42.88
N GLU B 497 20.22 16.14 44.17
CA GLU B 497 20.45 14.89 44.90
C GLU B 497 19.11 14.22 45.17
N ASN B 498 18.88 13.06 44.57
CA ASN B 498 17.65 12.33 44.82
C ASN B 498 17.81 11.55 46.12
N ILE B 499 17.01 11.86 47.14
CA ILE B 499 17.21 11.28 48.48
C ILE B 499 16.67 9.87 48.59
N ASN B 500 15.96 9.40 47.58
CA ASN B 500 15.48 8.03 47.49
C ASN B 500 16.46 7.10 46.81
N SER B 501 17.61 7.61 46.36
CA SER B 501 18.63 6.80 45.72
C SER B 501 19.50 6.12 46.77
N PRO B 502 19.98 4.92 46.46
CA PRO B 502 20.84 4.18 47.41
C PRO B 502 22.12 4.90 47.80
N GLU B 503 22.69 5.71 46.91
CA GLU B 503 24.05 6.21 47.01
C GLU B 503 24.06 7.72 46.76
N VAL B 504 25.20 8.34 47.12
CA VAL B 504 25.39 9.74 46.81
C VAL B 504 25.21 9.97 45.32
N ASN B 505 24.51 11.04 44.95
CA ASN B 505 24.14 11.21 43.55
C ASN B 505 23.77 12.66 43.26
N GLY B 506 23.74 12.98 41.95
CA GLY B 506 23.12 14.19 41.43
C GLY B 506 22.20 13.88 40.26
N TYR B 507 21.49 12.75 40.35
CA TYR B 507 20.68 12.23 39.25
C TYR B 507 19.49 13.12 38.92
N GLY B 508 18.95 13.85 39.91
CA GLY B 508 17.61 14.39 39.72
C GLY B 508 16.56 13.29 39.65
N VAL B 509 15.58 13.47 38.77
CA VAL B 509 14.46 12.56 38.66
C VAL B 509 14.96 11.17 38.29
N ASP B 510 14.43 10.14 38.97
CA ASP B 510 14.66 8.73 38.63
C ASP B 510 13.55 8.35 37.64
N HIS B 511 13.85 8.47 36.35
CA HIS B 511 12.82 8.23 35.34
C HIS B 511 12.34 6.77 35.34
N LEU B 512 13.23 5.84 35.66
CA LEU B 512 12.84 4.44 35.68
C LEU B 512 11.79 4.18 36.75
N LYS B 513 11.91 4.81 37.92
CA LYS B 513 10.88 4.65 38.94
C LYS B 513 9.58 5.31 38.52
N VAL B 514 9.65 6.49 37.89
CA VAL B 514 8.45 7.20 37.44
C VAL B 514 7.74 6.38 36.38
N VAL B 515 8.48 5.91 35.38
CA VAL B 515 7.90 5.14 34.28
C VAL B 515 7.27 3.85 34.78
N GLU B 516 7.94 3.19 35.73
CA GLU B 516 7.38 1.95 36.30
C GLU B 516 6.08 2.21 37.03
N GLY B 517 6.01 3.29 37.81
CA GLY B 517 4.76 3.60 38.50
C GLY B 517 3.64 3.98 37.54
N LEU B 518 3.98 4.49 36.36
CA LEU B 518 2.96 4.83 35.36
C LEU B 518 2.50 3.61 34.58
N GLY B 519 2.98 2.41 34.93
CA GLY B 519 2.51 1.21 34.27
C GLY B 519 3.30 0.79 33.05
N CYS B 520 4.47 1.38 32.81
CA CYS B 520 5.26 1.10 31.62
C CYS B 520 6.59 0.45 32.02
N LYS B 521 7.38 0.07 31.01
CA LYS B 521 8.66 -0.59 31.24
C LYS B 521 9.80 0.35 30.91
N ALA B 522 10.95 0.13 31.54
CA ALA B 522 12.08 1.03 31.35
C ALA B 522 13.39 0.28 31.54
N LEU B 523 14.41 0.74 30.81
CA LEU B 523 15.78 0.23 30.86
C LEU B 523 16.73 1.41 30.91
N ARG B 524 17.88 1.20 31.55
CA ARG B 524 18.90 2.24 31.62
C ARG B 524 20.20 1.75 30.99
N VAL B 525 20.92 2.65 30.32
CA VAL B 525 22.13 2.33 29.56
C VAL B 525 23.24 3.31 29.91
N PHE B 526 24.40 2.78 30.32
CA PHE B 526 25.57 3.58 30.68
C PHE B 526 26.72 3.49 29.70
N LYS B 527 26.82 2.41 28.92
CA LYS B 527 27.98 2.19 28.07
C LYS B 527 27.52 2.06 26.62
N PRO B 528 28.30 2.60 25.66
CA PRO B 528 27.80 2.65 24.27
C PRO B 528 27.46 1.30 23.69
N ASP B 529 28.16 0.24 24.08
CA ASP B 529 27.89 -1.08 23.52
C ASP B 529 26.60 -1.68 24.05
N ASP B 530 26.03 -1.12 25.12
CA ASP B 530 24.74 -1.59 25.62
C ASP B 530 23.54 -0.89 24.97
N ILE B 531 23.75 0.15 24.15
CA ILE B 531 22.61 0.86 23.58
C ILE B 531 21.82 -0.05 22.65
N LEU B 532 22.48 -0.65 21.67
CA LEU B 532 21.77 -1.50 20.73
C LEU B 532 21.09 -2.68 21.41
N PRO B 533 21.75 -3.47 22.29
CA PRO B 533 21.01 -4.55 22.96
C PRO B 533 19.81 -4.06 23.77
N ALA B 534 19.91 -2.89 24.39
CA ALA B 534 18.74 -2.37 25.10
C ALA B 534 17.60 -2.03 24.12
N PHE B 535 17.92 -1.49 22.95
CA PHE B 535 16.84 -1.24 21.97
C PHE B 535 16.19 -2.55 21.56
N GLU B 536 16.98 -3.63 21.48
CA GLU B 536 16.37 -4.89 21.08
C GLU B 536 15.53 -5.48 22.20
N LYS B 537 15.98 -5.35 23.45
CA LYS B 537 15.15 -5.79 24.56
C LYS B 537 13.86 -4.96 24.64
N ALA B 538 13.92 -3.67 24.27
CA ALA B 538 12.73 -2.84 24.32
C ALA B 538 11.68 -3.30 23.32
N ARG B 539 12.08 -3.66 22.08
CA ARG B 539 11.12 -4.19 21.13
C ARG B 539 10.45 -5.45 21.66
N ASP B 540 11.23 -6.33 22.33
CA ASP B 540 10.66 -7.58 22.83
C ASP B 540 9.68 -7.31 23.97
N LEU B 541 10.03 -6.41 24.88
CA LEU B 541 9.12 -6.08 25.97
C LEU B 541 7.85 -5.46 25.43
N GLN B 543 6.46 -5.89 22.37
CA GLN B 543 5.61 -6.95 21.83
C GLN B 543 5.01 -7.81 22.94
N GLU B 544 5.75 -8.01 24.03
CA GLU B 544 5.26 -8.91 25.08
C GLU B 544 4.13 -8.29 25.90
N TYR B 545 4.29 -7.04 26.35
CA TYR B 545 3.28 -6.41 27.21
C TYR B 545 2.44 -5.34 26.50
N ARG B 546 2.83 -4.90 25.30
CA ARG B 546 2.09 -3.89 24.57
C ARG B 546 1.79 -2.66 25.43
N VAL B 547 2.85 -2.15 26.07
CA VAL B 547 2.83 -0.85 26.75
C VAL B 547 4.10 -0.11 26.34
N PRO B 548 4.16 1.21 26.57
CA PRO B 548 5.38 1.95 26.21
C PRO B 548 6.60 1.44 26.97
N VAL B 549 7.75 1.46 26.30
CA VAL B 549 9.02 1.04 26.89
C VAL B 549 9.98 2.22 26.77
N VAL B 550 10.56 2.65 27.88
CA VAL B 550 11.50 3.77 27.87
C VAL B 550 12.93 3.25 27.99
N VAL B 551 13.80 3.68 27.10
CA VAL B 551 15.23 3.36 27.19
C VAL B 551 15.94 4.65 27.53
N GLU B 552 16.42 4.76 28.77
CA GLU B 552 17.12 5.97 29.19
C GLU B 552 18.61 5.80 28.93
N VAL B 553 19.17 6.66 28.07
CA VAL B 553 20.61 6.62 27.77
C VAL B 553 21.28 7.74 28.56
N ILE B 554 22.31 7.39 29.33
CA ILE B 554 23.00 8.38 30.18
C ILE B 554 24.07 9.07 29.35
N LEU B 555 23.92 10.38 29.14
CA LEU B 555 24.78 11.21 28.31
C LEU B 555 25.81 11.97 29.14
N GLU B 556 26.81 12.51 28.43
CA GLU B 556 27.95 13.17 29.03
C GLU B 556 27.65 14.56 29.60
N ARG B 557 26.83 15.36 28.91
CA ARG B 557 26.95 16.83 29.00
C ARG B 557 26.90 17.41 30.41
N VAL B 558 25.72 17.73 30.92
CA VAL B 558 25.59 18.31 32.26
C VAL B 558 25.97 17.25 33.30
#